data_8OHX
#
_entry.id   8OHX
#
_cell.length_a   126.281
_cell.length_b   76.711
_cell.length_c   141.018
_cell.angle_alpha   90.000
_cell.angle_beta   102.010
_cell.angle_gamma   90.000
#
_symmetry.space_group_name_H-M   'I 1 2 1'
#
loop_
_entity.id
_entity.type
_entity.pdbx_description
1 polymer Beta-D-glucuronidase
2 non-polymer '(3~{S},4~{S},5~{S},6~{R})-4,5,6-tris(oxidanyl)piperidine-3-carboxylic acid'
3 water water
#
_entity_poly.entity_id   1
_entity_poly.type   'polypeptide(L)'
_entity_poly.pdbx_seq_one_letter_code
;SHMLRPVETPTREIKKLDGLWAFSLDRENCGIDQRWWESALQESRAIAVPGSFNDQFADADIRNYAGNVWYQREVFIPKG
WAGQRIVLRFDAVTHYGKVWVNNQEVMEHQGGYTPFEADVTPYVIAGKSVRITVCVNNELNWQTIPPGMVITDENGKKKQ
SYFHDFFNYAGIHRSVMLYTTPNTWVDDITVVTHVAQDCNHASVDWQVVANGDVSVELRDADQQVVATGQGTSGTLQVVN
PHLWQPGEGYLYELCVTAKSQTECDIYPLRVGIRSVAVKGEQFLINHKPFYFTGFGRHEDADLRGKGFDNVLMVHDHALM
DWIGANSYRTSHYPYAEEMLDWADEHGIVVIDETAAVGFNLSLGIGFEAGNKPKELYSEEAVNGETQQAHLQAIKELIAR
DKNHPSVVMWSIANEPDTRPQGAREYFAPLAEATRKLDPTRPITCVNVMFCDAHTDTISDLFDVLCLNRYYGWYVQSGDL
ETAEKVLEKELLAWQEKLHQPIIITEYGVDTLAGLHSMYTDMWSEEYQCAWLDMYHRVFDRVSAVVGEQVWNFADFATSQ
GILRVGGNKKGIFTRDRKPKSAAFLLQKRWTGMNFGEKPQQ
;
_entity_poly.pdbx_strand_id   AAA,BBB
#
loop_
_chem_comp.id
_chem_comp.type
_chem_comp.name
_chem_comp.formula
VON non-polymer '(3~{S},4~{S},5~{S},6~{R})-4,5,6-tris(oxidanyl)piperidine-3-carboxylic acid' 'C6 H11 N O5'
#
# COMPACT_ATOMS: atom_id res chain seq x y z
N SER A 1 27.64 5.74 13.13
CA SER A 1 26.97 7.07 12.91
C SER A 1 25.62 7.10 13.65
N HIS A 2 25.27 8.21 14.29
CA HIS A 2 24.10 8.28 15.21
C HIS A 2 22.79 8.28 14.40
N MET A 3 21.79 7.49 14.83
CA MET A 3 20.57 7.19 14.02
C MET A 3 19.38 6.92 14.95
N LEU A 4 18.78 7.98 15.48
CA LEU A 4 17.52 7.86 16.26
C LEU A 4 16.36 7.85 15.28
N ARG A 5 15.34 7.05 15.59
CA ARG A 5 14.05 7.02 14.86
C ARG A 5 13.37 8.38 15.02
N PRO A 6 13.08 9.14 13.92
CA PRO A 6 12.32 10.38 14.03
C PRO A 6 10.95 10.11 14.65
N VAL A 7 10.56 10.97 15.60
CA VAL A 7 9.25 10.95 16.32
C VAL A 7 8.80 12.40 16.58
N GLU A 8 7.51 12.67 16.39
CA GLU A 8 6.93 14.01 16.61
C GLU A 8 6.82 14.27 18.11
N THR A 9 7.28 15.46 18.49
CA THR A 9 7.59 15.85 19.88
C THR A 9 7.34 17.35 19.99
N PRO A 10 7.17 17.93 21.20
CA PRO A 10 6.97 19.37 21.28
C PRO A 10 8.07 20.11 20.50
N THR A 11 9.29 19.56 20.47
CA THR A 11 10.53 20.16 19.88
C THR A 11 10.86 19.63 18.48
N ARG A 12 10.00 18.80 17.86
CA ARG A 12 10.39 17.97 16.67
C ARG A 12 9.19 17.73 15.75
N GLU A 13 9.33 18.08 14.47
CA GLU A 13 8.29 17.94 13.42
C GLU A 13 8.83 17.05 12.28
N ILE A 14 7.92 16.33 11.61
CA ILE A 14 8.22 15.41 10.48
C ILE A 14 7.25 15.78 9.37
N LYS A 15 7.73 15.75 8.13
CA LYS A 15 6.93 15.87 6.90
C LYS A 15 7.36 14.75 5.93
N LYS A 16 6.47 13.78 5.73
CA LYS A 16 6.64 12.63 4.80
C LYS A 16 6.76 13.12 3.37
N LEU A 17 7.67 12.55 2.58
CA LEU A 17 7.81 12.80 1.13
C LEU A 17 7.29 11.64 0.31
N ASP A 18 6.62 10.66 0.94
CA ASP A 18 6.04 9.48 0.25
C ASP A 18 4.94 9.95 -0.71
N GLY A 19 4.76 9.27 -1.84
CA GLY A 19 3.74 9.60 -2.85
C GLY A 19 4.27 9.34 -4.23
N LEU A 20 3.74 10.01 -5.24
CA LEU A 20 4.22 9.83 -6.64
C LEU A 20 5.49 10.66 -6.83
N TRP A 21 6.56 10.03 -7.33
CA TRP A 21 7.80 10.71 -7.78
C TRP A 21 7.90 10.51 -9.30
N ALA A 22 8.71 11.32 -9.97
CA ALA A 22 9.12 11.11 -11.37
C ALA A 22 10.21 10.03 -11.40
N PHE A 23 10.22 9.23 -12.45
CA PHE A 23 11.12 8.06 -12.52
C PHE A 23 11.55 7.87 -13.95
N SER A 24 12.81 7.52 -14.10
CA SER A 24 13.51 7.38 -15.40
C SER A 24 14.58 6.31 -15.21
N LEU A 25 14.68 5.40 -16.17
CA LEU A 25 15.88 4.55 -16.32
C LEU A 25 17.04 5.45 -16.74
N ASP A 26 18.24 4.90 -16.82
CA ASP A 26 19.48 5.59 -17.30
C ASP A 26 20.29 4.53 -18.05
N ARG A 27 19.67 3.95 -19.07
CA ARG A 27 20.25 2.85 -19.89
C ARG A 27 21.66 3.25 -20.35
N GLU A 28 21.87 4.52 -20.70
CA GLU A 28 23.17 5.02 -21.25
C GLU A 28 24.23 5.16 -20.15
N ASN A 29 23.82 5.39 -18.91
CA ASN A 29 24.75 5.75 -17.80
C ASN A 29 25.44 7.07 -18.16
N CYS A 30 24.66 8.15 -18.25
CA CYS A 30 25.08 9.55 -18.54
C CYS A 30 24.41 10.55 -17.60
N GLY A 31 23.57 10.09 -16.67
CA GLY A 31 22.80 10.97 -15.76
C GLY A 31 23.72 11.76 -14.84
N ILE A 32 24.81 11.14 -14.35
CA ILE A 32 25.84 11.87 -13.56
C ILE A 32 26.53 12.87 -14.51
N ASP A 33 26.95 12.43 -15.70
CA ASP A 33 27.71 13.26 -16.68
C ASP A 33 26.89 14.52 -17.01
N GLN A 34 25.63 14.32 -17.41
CA GLN A 34 24.67 15.41 -17.80
C GLN A 34 23.98 16.00 -16.57
N ARG A 35 24.47 15.73 -15.37
CA ARG A 35 23.90 16.31 -14.12
C ARG A 35 22.38 16.37 -14.27
N TRP A 36 21.71 15.21 -14.44
CA TRP A 36 20.24 15.10 -14.65
C TRP A 36 19.52 15.76 -13.48
N TRP A 37 20.19 15.95 -12.33
CA TRP A 37 19.59 16.47 -11.08
C TRP A 37 19.35 17.99 -11.14
N GLU A 38 19.80 18.65 -12.21
CA GLU A 38 19.75 20.13 -12.35
C GLU A 38 18.34 20.54 -12.78
N SER A 39 17.78 19.82 -13.75
CA SER A 39 16.44 20.07 -14.33
C SER A 39 15.53 18.83 -14.15
N ALA A 40 14.24 18.99 -14.39
CA ALA A 40 13.26 17.88 -14.46
C ALA A 40 13.88 16.70 -15.22
N LEU A 41 13.79 15.50 -14.66
CA LEU A 41 14.08 14.24 -15.40
C LEU A 41 13.27 14.31 -16.70
N GLN A 42 13.86 13.97 -17.84
CA GLN A 42 13.38 14.46 -19.16
C GLN A 42 12.40 13.45 -19.79
N GLU A 43 12.56 12.15 -19.57
CA GLU A 43 11.72 11.11 -20.23
C GLU A 43 11.04 10.26 -19.17
N SER A 44 10.34 10.92 -18.25
CA SER A 44 10.04 10.40 -16.89
C SER A 44 8.61 9.84 -16.83
N ARG A 45 8.35 8.95 -15.88
CA ARG A 45 6.99 8.46 -15.57
C ARG A 45 6.79 8.49 -14.05
N ALA A 46 5.53 8.48 -13.65
CA ALA A 46 5.15 8.46 -12.21
C ALA A 46 5.46 7.07 -11.62
N ILE A 47 5.92 7.05 -10.37
CA ILE A 47 6.24 5.81 -9.62
C ILE A 47 5.88 6.03 -8.15
N ALA A 48 5.42 4.99 -7.47
CA ALA A 48 5.09 5.07 -6.03
C ALA A 48 6.37 4.92 -5.20
N VAL A 49 6.52 5.81 -4.21
CA VAL A 49 7.49 5.75 -3.09
C VAL A 49 6.68 5.73 -1.79
N PRO A 50 6.85 4.75 -0.88
CA PRO A 50 7.80 3.64 -1.04
C PRO A 50 7.34 2.51 -1.96
N GLY A 51 8.31 1.81 -2.57
CA GLY A 51 8.08 0.66 -3.46
C GLY A 51 9.35 0.21 -4.14
N SER A 52 9.40 -1.05 -4.57
CA SER A 52 10.41 -1.56 -5.52
C SER A 52 10.02 -0.99 -6.87
N PHE A 53 10.97 -0.65 -7.74
CA PHE A 53 10.62 -0.06 -9.06
C PHE A 53 10.23 -1.19 -10.02
N ASN A 54 10.68 -2.41 -9.72
CA ASN A 54 10.76 -3.54 -10.69
C ASN A 54 9.36 -3.97 -11.17
N ASP A 55 8.37 -4.04 -10.27
CA ASP A 55 7.08 -4.73 -10.55
C ASP A 55 5.96 -3.70 -10.76
N GLN A 56 6.21 -2.42 -10.51
CA GLN A 56 5.16 -1.38 -10.62
C GLN A 56 4.66 -1.26 -12.07
N PHE A 57 5.41 -1.69 -13.09
CA PHE A 57 5.08 -1.30 -14.48
C PHE A 57 4.64 -2.49 -15.34
N ALA A 58 4.57 -3.71 -14.79
CA ALA A 58 4.26 -4.95 -15.54
C ALA A 58 5.15 -5.10 -16.78
N ASP A 59 6.41 -4.66 -16.67
CA ASP A 59 7.36 -4.58 -17.81
C ASP A 59 8.65 -5.37 -17.48
N ALA A 60 8.89 -6.48 -18.17
CA ALA A 60 10.05 -7.40 -18.00
C ALA A 60 11.36 -6.60 -18.06
N ASP A 61 11.38 -5.59 -18.92
CA ASP A 61 12.61 -4.82 -19.30
C ASP A 61 13.04 -3.95 -18.13
N ILE A 62 12.08 -3.38 -17.41
CA ILE A 62 12.35 -2.58 -16.19
C ILE A 62 12.61 -3.54 -15.00
N ARG A 63 11.91 -4.69 -14.95
CA ARG A 63 12.00 -5.65 -13.81
C ARG A 63 13.43 -6.14 -13.69
N ASN A 64 13.99 -6.49 -14.85
CA ASN A 64 15.28 -7.21 -15.01
C ASN A 64 16.45 -6.23 -15.23
N TYR A 65 16.27 -4.95 -15.02
CA TYR A 65 17.27 -3.91 -15.38
C TYR A 65 18.38 -3.85 -14.32
N ALA A 66 19.61 -3.67 -14.81
CA ALA A 66 20.80 -3.48 -13.97
C ALA A 66 21.43 -2.12 -14.34
N GLY A 67 21.67 -1.27 -13.34
CA GLY A 67 22.28 0.05 -13.56
C GLY A 67 21.67 1.10 -12.66
N ASN A 68 21.64 2.34 -13.14
CA ASN A 68 21.15 3.50 -12.36
C ASN A 68 19.75 3.82 -12.81
N VAL A 69 18.94 4.29 -11.86
CA VAL A 69 17.57 4.79 -12.11
C VAL A 69 17.46 6.07 -11.32
N TRP A 70 16.56 6.97 -11.74
CA TRP A 70 16.44 8.32 -11.13
C TRP A 70 15.02 8.52 -10.64
N TYR A 71 14.93 9.01 -9.40
CA TYR A 71 13.70 9.47 -8.70
C TYR A 71 13.80 10.98 -8.47
N GLN A 72 12.69 11.71 -8.56
CA GLN A 72 12.69 13.20 -8.37
C GLN A 72 11.26 13.69 -8.09
N ARG A 73 11.14 14.65 -7.17
CA ARG A 73 9.89 15.38 -6.86
C ARG A 73 10.24 16.79 -6.37
N GLU A 74 9.27 17.71 -6.25
CA GLU A 74 9.46 19.01 -5.56
C GLU A 74 8.72 18.97 -4.23
N VAL A 75 9.18 19.71 -3.22
CA VAL A 75 8.46 19.76 -1.91
C VAL A 75 8.66 21.14 -1.26
N PHE A 76 7.58 21.68 -0.70
CA PHE A 76 7.60 22.94 0.08
C PHE A 76 8.17 22.63 1.46
N ILE A 77 9.23 23.34 1.86
CA ILE A 77 9.72 23.27 3.25
C ILE A 77 8.69 24.06 4.05
N PRO A 78 8.10 23.45 5.10
CA PRO A 78 7.19 24.18 5.97
C PRO A 78 7.75 25.58 6.30
N LYS A 79 7.03 26.61 5.85
CA LYS A 79 7.06 27.96 6.50
C LYS A 79 6.99 27.69 8.01
N GLY A 80 7.83 28.34 8.81
CA GLY A 80 7.77 28.17 10.27
C GLY A 80 8.83 27.20 10.77
N TRP A 81 9.57 26.56 9.85
CA TRP A 81 10.77 25.73 10.14
C TRP A 81 12.06 26.58 10.15
N ALA A 82 11.99 27.84 9.68
CA ALA A 82 13.06 28.87 9.79
C ALA A 82 13.70 28.81 11.19
N GLY A 83 15.03 28.76 11.25
CA GLY A 83 15.80 28.75 12.51
C GLY A 83 15.75 27.40 13.20
N GLN A 84 15.40 26.35 12.46
CA GLN A 84 15.34 24.96 12.98
C GLN A 84 16.38 24.13 12.21
N ARG A 85 17.01 23.17 12.89
CA ARG A 85 17.80 22.09 12.23
C ARG A 85 16.83 21.24 11.39
N ILE A 86 16.97 21.30 10.06
CA ILE A 86 16.18 20.55 9.02
C ILE A 86 17.05 19.41 8.45
N VAL A 87 16.58 18.16 8.65
CA VAL A 87 17.24 16.89 8.18
C VAL A 87 16.37 16.28 7.07
N LEU A 88 17.00 15.83 5.99
CA LEU A 88 16.40 14.95 4.96
C LEU A 88 16.89 13.53 5.21
N ARG A 89 15.95 12.57 5.34
CA ARG A 89 16.23 11.16 5.71
C ARG A 89 15.55 10.20 4.75
N PHE A 90 16.25 9.14 4.35
CA PHE A 90 15.70 7.97 3.61
C PHE A 90 15.78 6.74 4.50
N ASP A 91 14.64 6.14 4.82
CA ASP A 91 14.62 4.95 5.70
C ASP A 91 15.36 3.81 4.99
N ALA A 92 15.36 3.75 3.65
CA ALA A 92 16.14 2.74 2.91
C ALA A 92 16.11 3.00 1.42
N VAL A 93 17.28 2.86 0.78
CA VAL A 93 17.47 2.91 -0.70
C VAL A 93 18.33 1.72 -1.09
N THR A 94 17.79 0.89 -1.99
CA THR A 94 18.33 -0.44 -2.31
C THR A 94 18.90 -0.38 -3.72
N HIS A 95 20.21 -0.62 -3.90
CA HIS A 95 21.21 -0.90 -2.86
C HIS A 95 22.04 0.35 -2.50
N TYR A 96 22.14 1.28 -3.44
CA TYR A 96 22.95 2.51 -3.31
C TYR A 96 22.13 3.73 -3.76
N GLY A 97 22.27 4.84 -3.02
CA GLY A 97 21.61 6.12 -3.35
C GLY A 97 22.51 7.33 -3.19
N LYS A 98 22.49 8.21 -4.19
CA LYS A 98 23.05 9.58 -4.11
C LYS A 98 21.90 10.58 -4.27
N VAL A 99 21.88 11.59 -3.39
CA VAL A 99 20.76 12.55 -3.23
C VAL A 99 21.28 13.97 -3.54
N TRP A 100 20.49 14.74 -4.29
CA TRP A 100 20.75 16.18 -4.55
C TRP A 100 19.56 17.00 -4.05
N VAL A 101 19.79 17.96 -3.15
CA VAL A 101 18.80 19.01 -2.80
C VAL A 101 19.05 20.15 -3.79
N ASN A 102 18.23 20.26 -4.83
CA ASN A 102 18.37 21.22 -5.96
C ASN A 102 19.63 20.90 -6.75
N ASN A 103 20.73 21.62 -6.51
CA ASN A 103 22.01 21.42 -7.25
C ASN A 103 23.10 20.97 -6.27
N GLN A 104 22.84 20.98 -4.96
CA GLN A 104 23.83 20.55 -3.94
C GLN A 104 23.65 19.06 -3.63
N GLU A 105 24.64 18.24 -4.04
CA GLU A 105 24.82 16.85 -3.56
C GLU A 105 24.95 16.88 -2.03
N VAL A 106 24.13 16.10 -1.32
CA VAL A 106 24.00 16.19 0.17
C VAL A 106 24.26 14.85 0.87
N MET A 107 23.96 13.74 0.19
CA MET A 107 23.99 12.38 0.79
C MET A 107 24.47 11.38 -0.26
N GLU A 108 25.23 10.38 0.19
CA GLU A 108 25.52 9.14 -0.57
C GLU A 108 25.48 7.94 0.39
N HIS A 109 24.88 6.78 0.05
CA HIS A 109 24.86 5.60 0.96
C HIS A 109 24.90 4.29 0.18
N GLN A 110 25.65 3.31 0.72
CA GLN A 110 25.73 1.91 0.23
C GLN A 110 25.18 0.98 1.31
N GLY A 111 24.26 0.08 0.94
CA GLY A 111 23.48 -0.69 1.92
C GLY A 111 21.98 -0.45 1.78
N GLY A 112 21.27 -1.43 1.22
CA GLY A 112 19.90 -1.26 0.73
C GLY A 112 18.86 -1.23 1.83
N TYR A 113 19.22 -1.24 3.13
CA TYR A 113 18.25 -1.68 4.17
C TYR A 113 18.30 -0.92 5.51
N THR A 114 19.07 0.16 5.64
CA THR A 114 19.12 0.96 6.88
C THR A 114 19.15 2.44 6.50
N PRO A 115 18.76 3.35 7.39
CA PRO A 115 18.49 4.72 6.97
C PRO A 115 19.80 5.54 6.86
N PHE A 116 19.76 6.56 6.01
CA PHE A 116 20.79 7.63 5.91
C PHE A 116 20.11 8.99 5.81
N GLU A 117 20.77 10.02 6.33
CA GLU A 117 20.17 11.36 6.51
C GLU A 117 21.26 12.43 6.64
N ALA A 118 20.99 13.65 6.15
CA ALA A 118 21.89 14.84 6.21
C ALA A 118 21.15 16.06 6.76
N ASP A 119 21.87 16.90 7.51
CA ASP A 119 21.51 18.32 7.75
C ASP A 119 21.42 19.04 6.40
N VAL A 120 20.21 19.40 5.93
CA VAL A 120 20.00 20.07 4.61
C VAL A 120 19.71 21.56 4.83
N THR A 121 19.85 22.06 6.06
CA THR A 121 19.45 23.43 6.49
C THR A 121 20.03 24.44 5.52
N PRO A 122 21.37 24.49 5.33
CA PRO A 122 21.97 25.50 4.46
C PRO A 122 21.60 25.41 2.97
N TYR A 123 20.77 24.44 2.57
CA TYR A 123 20.44 24.23 1.12
C TYR A 123 18.95 24.39 0.87
N VAL A 124 18.17 24.74 1.90
CA VAL A 124 16.71 25.04 1.74
C VAL A 124 16.33 26.31 2.52
N ILE A 125 15.28 27.00 2.02
CA ILE A 125 14.62 28.16 2.70
C ILE A 125 13.18 27.78 3.06
N ALA A 126 12.87 27.88 4.36
CA ALA A 126 11.54 27.66 4.95
C ALA A 126 10.51 28.48 4.17
N GLY A 127 9.48 27.80 3.65
CA GLY A 127 8.38 28.40 2.89
C GLY A 127 8.60 28.32 1.39
N LYS A 128 9.78 27.84 0.95
CA LYS A 128 10.11 27.69 -0.50
C LYS A 128 10.12 26.22 -0.90
N SER A 129 9.71 25.93 -2.14
CA SER A 129 9.83 24.60 -2.80
C SER A 129 11.31 24.27 -3.01
N VAL A 130 11.65 22.97 -2.96
CA VAL A 130 13.00 22.44 -3.30
C VAL A 130 12.81 21.21 -4.18
N ARG A 131 13.79 20.94 -5.02
CA ARG A 131 13.82 19.72 -5.88
C ARG A 131 14.73 18.69 -5.20
N ILE A 132 14.22 17.47 -4.99
CA ILE A 132 14.99 16.33 -4.41
C ILE A 132 15.18 15.26 -5.50
N THR A 133 16.40 15.12 -6.04
CA THR A 133 16.76 14.11 -7.08
C THR A 133 17.53 12.97 -6.40
N VAL A 134 17.22 11.71 -6.76
CA VAL A 134 17.94 10.52 -6.21
C VAL A 134 18.42 9.67 -7.39
N CYS A 135 19.71 9.32 -7.37
CA CYS A 135 20.33 8.29 -8.26
C CYS A 135 20.39 7.01 -7.44
N VAL A 136 19.70 5.96 -7.91
CA VAL A 136 19.57 4.67 -7.19
C VAL A 136 20.23 3.62 -8.05
N ASN A 137 21.19 2.91 -7.46
CA ASN A 137 21.93 1.83 -8.16
C ASN A 137 21.64 0.51 -7.43
N ASN A 138 21.44 -0.56 -8.20
CA ASN A 138 20.98 -1.89 -7.71
C ASN A 138 22.05 -2.95 -7.99
N GLU A 139 23.29 -2.56 -8.28
CA GLU A 139 24.40 -3.48 -8.69
C GLU A 139 25.10 -4.07 -7.46
N LEU A 140 25.40 -5.35 -7.49
CA LEU A 140 26.12 -6.04 -6.39
C LEU A 140 27.49 -6.46 -6.91
N ASN A 141 28.50 -6.37 -6.07
CA ASN A 141 29.86 -6.90 -6.40
C ASN A 141 30.37 -7.56 -5.12
N TRP A 142 31.66 -7.98 -5.09
CA TRP A 142 32.22 -8.78 -3.97
C TRP A 142 32.37 -7.94 -2.71
N GLN A 143 32.16 -6.62 -2.80
CA GLN A 143 32.30 -5.70 -1.64
C GLN A 143 30.94 -5.16 -1.17
N THR A 144 29.85 -5.54 -1.83
CA THR A 144 28.46 -5.17 -1.41
C THR A 144 27.94 -6.27 -0.49
N ILE A 145 27.05 -5.88 0.42
CA ILE A 145 26.33 -6.78 1.37
C ILE A 145 24.85 -6.70 0.94
N PRO A 146 24.32 -7.70 0.22
CA PRO A 146 25.03 -8.92 -0.10
C PRO A 146 25.94 -8.82 -1.32
N PRO A 147 26.86 -9.78 -1.49
CA PRO A 147 27.68 -9.84 -2.70
C PRO A 147 26.98 -10.36 -3.97
N GLY A 148 27.61 -10.07 -5.11
CA GLY A 148 27.12 -10.46 -6.44
C GLY A 148 28.23 -10.32 -7.47
N MET A 149 27.95 -10.66 -8.73
CA MET A 149 28.85 -10.37 -9.87
C MET A 149 28.00 -9.80 -11.00
N VAL A 150 28.24 -8.56 -11.39
CA VAL A 150 27.72 -8.01 -12.66
C VAL A 150 28.45 -8.73 -13.79
N ILE A 151 27.72 -9.33 -14.74
CA ILE A 151 28.30 -9.94 -15.96
C ILE A 151 27.94 -9.01 -17.11
N THR A 152 28.95 -8.53 -17.82
CA THR A 152 28.80 -7.57 -18.94
C THR A 152 28.99 -8.37 -20.23
N ASP A 153 27.93 -8.45 -21.07
CA ASP A 153 27.98 -9.28 -22.31
C ASP A 153 28.82 -8.53 -23.37
N GLU A 154 29.04 -9.15 -24.53
CA GLU A 154 29.92 -8.58 -25.60
C GLU A 154 29.41 -7.19 -26.00
N ASN A 155 28.09 -6.95 -25.88
CA ASN A 155 27.46 -5.67 -26.30
C ASN A 155 27.55 -4.61 -25.17
N GLY A 156 28.04 -4.98 -23.97
CA GLY A 156 28.20 -4.06 -22.81
C GLY A 156 26.93 -3.94 -21.99
N LYS A 157 25.93 -4.77 -22.28
CA LYS A 157 24.64 -4.90 -21.54
C LYS A 157 24.90 -5.67 -20.24
N LYS A 158 24.49 -5.11 -19.10
CA LYS A 158 24.81 -5.67 -17.76
C LYS A 158 23.71 -6.66 -17.36
N LYS A 159 24.10 -7.65 -16.58
CA LYS A 159 23.20 -8.73 -16.08
C LYS A 159 23.72 -9.11 -14.70
N GLN A 160 22.95 -8.84 -13.66
CA GLN A 160 23.32 -9.17 -12.26
C GLN A 160 23.20 -10.68 -12.03
N SER A 161 24.30 -11.28 -11.60
CA SER A 161 24.34 -12.62 -10.97
C SER A 161 24.38 -12.40 -9.47
N TYR A 162 23.77 -13.31 -8.72
CA TYR A 162 23.86 -13.27 -7.25
C TYR A 162 23.54 -14.66 -6.73
N PHE A 163 23.88 -14.88 -5.46
CA PHE A 163 23.99 -16.24 -4.88
C PHE A 163 22.88 -16.46 -3.85
N HIS A 164 21.99 -15.48 -3.65
CA HIS A 164 20.85 -15.63 -2.72
C HIS A 164 19.54 -15.98 -3.45
N ASP A 165 18.63 -16.62 -2.73
CA ASP A 165 17.39 -17.24 -3.28
C ASP A 165 16.19 -16.32 -3.04
N PHE A 166 16.27 -15.08 -3.51
CA PHE A 166 15.16 -14.10 -3.46
C PHE A 166 15.51 -13.03 -4.48
N PHE A 167 14.49 -12.50 -5.17
CA PHE A 167 14.72 -11.54 -6.28
C PHE A 167 15.45 -10.28 -5.79
N ASN A 168 16.31 -9.74 -6.64
CA ASN A 168 17.13 -8.53 -6.36
C ASN A 168 16.28 -7.27 -6.61
N TYR A 169 15.19 -7.14 -5.88
CA TYR A 169 14.30 -5.95 -5.93
C TYR A 169 15.10 -4.72 -5.51
N ALA A 170 14.89 -3.60 -6.17
CA ALA A 170 15.58 -2.34 -5.81
C ALA A 170 14.61 -1.16 -5.93
N GLY A 171 15.04 0.00 -5.43
CA GLY A 171 14.28 1.27 -5.47
C GLY A 171 14.22 1.87 -4.09
N ILE A 172 13.38 2.89 -3.89
CA ILE A 172 13.22 3.51 -2.54
C ILE A 172 12.13 2.70 -1.84
N HIS A 173 12.51 1.80 -0.93
CA HIS A 173 11.62 0.74 -0.38
C HIS A 173 10.85 1.26 0.83
N ARG A 174 11.34 2.32 1.45
CA ARG A 174 10.79 2.80 2.73
C ARG A 174 10.61 4.32 2.65
N SER A 175 9.98 4.87 3.68
CA SER A 175 9.48 6.27 3.72
C SER A 175 10.67 7.24 3.54
N VAL A 176 10.45 8.34 2.83
CA VAL A 176 11.39 9.49 2.74
C VAL A 176 10.78 10.61 3.57
N MET A 177 11.57 11.35 4.35
CA MET A 177 10.99 12.37 5.26
C MET A 177 11.99 13.52 5.49
N LEU A 178 11.47 14.75 5.51
CA LEU A 178 12.15 15.95 6.06
C LEU A 178 11.69 16.04 7.51
N TYR A 179 12.61 16.25 8.44
CA TYR A 179 12.26 16.42 9.87
C TYR A 179 13.17 17.49 10.48
N THR A 180 12.76 17.97 11.66
CA THR A 180 13.39 19.11 12.35
C THR A 180 13.74 18.69 13.78
N THR A 181 14.83 19.28 14.26
CA THR A 181 15.17 19.43 15.69
C THR A 181 15.56 20.88 15.97
N PRO A 182 15.64 21.27 17.25
CA PRO A 182 16.32 22.51 17.64
C PRO A 182 17.84 22.33 17.49
N ASN A 183 18.58 23.43 17.34
CA ASN A 183 20.04 23.43 17.01
C ASN A 183 20.82 22.81 18.17
N THR A 184 20.20 22.76 19.36
CA THR A 184 20.51 21.86 20.50
C THR A 184 19.59 20.63 20.47
N TRP A 185 20.13 19.42 20.32
CA TRP A 185 19.28 18.21 20.17
C TRP A 185 19.98 16.95 20.66
N VAL A 186 19.17 15.98 21.11
CA VAL A 186 19.69 14.64 21.52
C VAL A 186 19.96 13.87 20.23
N ASP A 187 21.18 13.38 20.07
CA ASP A 187 21.65 12.85 18.77
C ASP A 187 21.73 11.32 18.83
N ASP A 188 21.80 10.77 20.04
CA ASP A 188 22.01 9.31 20.23
C ASP A 188 21.67 8.98 21.68
N ILE A 189 20.95 7.86 21.87
CA ILE A 189 20.68 7.22 23.19
C ILE A 189 21.10 5.76 23.11
N THR A 190 21.64 5.20 24.19
CA THR A 190 21.80 3.74 24.39
C THR A 190 21.18 3.41 25.74
N VAL A 191 20.19 2.52 25.75
CA VAL A 191 19.60 1.97 27.00
C VAL A 191 20.00 0.50 27.14
N VAL A 192 20.47 0.12 28.33
CA VAL A 192 20.59 -1.29 28.76
C VAL A 192 19.67 -1.46 29.97
N THR A 193 18.80 -2.49 29.95
CA THR A 193 17.88 -2.83 31.06
C THR A 193 18.34 -4.11 31.73
N HIS A 194 18.92 -3.98 32.93
CA HIS A 194 19.31 -5.10 33.82
C HIS A 194 18.05 -5.53 34.58
N VAL A 195 17.95 -6.83 34.91
CA VAL A 195 16.79 -7.43 35.62
C VAL A 195 17.34 -8.39 36.68
N ALA A 196 16.95 -8.22 37.94
CA ALA A 196 17.39 -9.10 39.05
C ALA A 196 16.79 -10.48 38.84
N GLN A 197 17.46 -11.51 39.38
CA GLN A 197 17.17 -12.96 39.20
C GLN A 197 15.74 -13.25 39.67
N ASP A 198 15.35 -12.60 40.77
CA ASP A 198 14.03 -12.77 41.42
C ASP A 198 12.97 -12.01 40.61
N CYS A 199 13.41 -11.21 39.62
CA CYS A 199 12.56 -10.43 38.66
C CYS A 199 11.81 -9.28 39.38
N ASN A 200 12.16 -8.99 40.64
CA ASN A 200 11.42 -8.05 41.54
C ASN A 200 12.01 -6.64 41.45
N HIS A 201 13.21 -6.50 40.89
CA HIS A 201 13.92 -5.20 40.72
C HIS A 201 14.62 -5.20 39.36
N ALA A 202 14.80 -4.02 38.77
CA ALA A 202 15.56 -3.83 37.52
C ALA A 202 16.23 -2.45 37.50
N SER A 203 17.43 -2.38 36.95
CA SER A 203 18.17 -1.12 36.67
C SER A 203 18.05 -0.84 35.18
N VAL A 204 18.01 0.44 34.81
CA VAL A 204 18.07 0.90 33.40
C VAL A 204 19.26 1.84 33.27
N ASP A 205 20.36 1.36 32.69
CA ASP A 205 21.48 2.23 32.26
C ASP A 205 20.99 3.09 31.10
N TRP A 206 21.42 4.34 31.06
CA TRP A 206 21.25 5.23 29.88
C TRP A 206 22.61 5.82 29.51
N GLN A 207 22.75 6.21 28.27
CA GLN A 207 23.91 6.96 27.76
C GLN A 207 23.35 7.84 26.66
N VAL A 208 23.65 9.14 26.65
CA VAL A 208 23.04 10.10 25.67
C VAL A 208 24.15 10.98 25.09
N VAL A 209 24.05 11.26 23.81
CA VAL A 209 24.94 12.22 23.10
C VAL A 209 24.04 13.38 22.66
N ALA A 210 24.39 14.61 23.03
CA ALA A 210 23.60 15.83 22.70
C ALA A 210 24.41 17.08 23.07
N ASN A 211 24.31 18.15 22.28
CA ASN A 211 25.09 19.41 22.51
C ASN A 211 24.34 20.31 23.50
N GLY A 212 24.07 19.81 24.71
CA GLY A 212 23.36 20.52 25.77
C GLY A 212 23.32 19.66 27.02
N ASP A 213 22.94 20.23 28.15
CA ASP A 213 22.82 19.46 29.42
C ASP A 213 21.68 18.46 29.22
N VAL A 214 21.86 17.25 29.74
CA VAL A 214 20.90 16.16 29.46
C VAL A 214 20.22 15.80 30.77
N SER A 215 18.89 15.69 30.73
CA SER A 215 18.10 15.04 31.81
C SER A 215 17.15 14.00 31.19
N VAL A 216 16.73 13.04 32.01
CA VAL A 216 15.83 11.94 31.58
C VAL A 216 14.82 11.68 32.69
N GLU A 217 13.61 11.25 32.30
CA GLU A 217 12.64 10.66 33.25
C GLU A 217 12.04 9.39 32.61
N LEU A 218 11.83 8.40 33.48
CA LEU A 218 11.24 7.08 33.13
C LEU A 218 9.78 7.08 33.57
N ARG A 219 8.86 7.05 32.60
CA ARG A 219 7.40 6.98 32.84
C ARG A 219 6.89 5.59 32.48
N ASP A 220 6.01 5.04 33.32
CA ASP A 220 5.29 3.76 33.07
C ASP A 220 4.17 4.00 32.04
N ALA A 221 3.37 2.95 31.76
CA ALA A 221 2.28 2.96 30.75
C ALA A 221 1.20 3.97 31.14
N ASP A 222 1.02 4.20 32.45
CA ASP A 222 0.00 5.12 33.02
C ASP A 222 0.53 6.56 33.03
N GLN A 223 1.74 6.80 32.52
CA GLN A 223 2.40 8.14 32.46
C GLN A 223 3.02 8.54 33.81
N GLN A 224 3.01 7.67 34.83
CA GLN A 224 3.57 7.98 36.17
C GLN A 224 5.10 7.91 36.11
N VAL A 225 5.76 9.09 36.19
CA VAL A 225 7.23 9.23 36.37
C VAL A 225 7.64 8.28 37.48
N VAL A 226 8.46 7.28 37.18
CA VAL A 226 8.87 6.21 38.14
C VAL A 226 10.34 6.40 38.50
N ALA A 227 11.06 7.27 37.78
CA ALA A 227 12.49 7.60 38.02
C ALA A 227 12.95 8.78 37.15
N THR A 228 14.03 9.44 37.60
CA THR A 228 14.67 10.64 37.00
C THR A 228 16.19 10.54 37.16
N GLY A 229 16.96 11.24 36.33
CA GLY A 229 18.43 11.28 36.40
C GLY A 229 19.00 12.42 35.58
N GLN A 230 20.24 12.83 35.90
CA GLN A 230 20.86 14.02 35.27
C GLN A 230 22.16 13.64 34.56
N GLY A 231 22.49 14.32 33.46
CA GLY A 231 23.81 14.21 32.81
C GLY A 231 23.79 13.18 31.70
N THR A 232 24.89 13.08 30.94
CA THR A 232 24.99 12.30 29.68
C THR A 232 24.80 10.80 29.94
N SER A 233 24.96 10.33 31.18
CA SER A 233 25.05 8.89 31.53
C SER A 233 24.63 8.67 32.98
N GLY A 234 24.26 7.43 33.33
CA GLY A 234 23.93 7.01 34.70
C GLY A 234 23.10 5.73 34.70
N THR A 235 22.31 5.51 35.74
CA THR A 235 21.50 4.29 35.98
C THR A 235 20.24 4.64 36.79
N LEU A 236 19.04 4.44 36.21
CA LEU A 236 17.74 4.59 36.93
C LEU A 236 17.41 3.27 37.62
N GLN A 237 17.03 3.33 38.91
CA GLN A 237 16.48 2.16 39.67
C GLN A 237 14.97 2.09 39.43
N VAL A 238 14.43 0.88 39.41
CA VAL A 238 12.98 0.61 39.19
C VAL A 238 12.60 -0.57 40.09
N VAL A 239 11.82 -0.33 41.13
CA VAL A 239 11.35 -1.43 42.03
C VAL A 239 10.04 -1.94 41.42
N ASN A 240 9.76 -3.23 41.66
CA ASN A 240 8.58 -3.96 41.12
C ASN A 240 8.33 -3.50 39.68
N PRO A 241 9.29 -3.72 38.75
CA PRO A 241 9.16 -3.22 37.40
C PRO A 241 8.15 -4.08 36.63
N HIS A 242 7.39 -3.46 35.73
CA HIS A 242 6.59 -4.14 34.68
C HIS A 242 7.55 -4.63 33.59
N LEU A 243 8.01 -5.88 33.71
CA LEU A 243 8.98 -6.50 32.75
C LEU A 243 8.33 -6.58 31.36
N TRP A 244 9.11 -6.27 30.32
CA TRP A 244 8.75 -6.58 28.90
C TRP A 244 8.86 -8.10 28.73
N GLN A 245 7.72 -8.76 28.58
CA GLN A 245 7.61 -10.25 28.53
C GLN A 245 7.11 -10.64 27.15
N PRO A 246 7.70 -11.66 26.48
CA PRO A 246 7.15 -12.20 25.24
C PRO A 246 5.64 -12.39 25.32
N GLY A 247 4.90 -11.97 24.29
CA GLY A 247 3.43 -12.09 24.24
C GLY A 247 2.68 -10.91 24.85
N GLU A 248 3.37 -9.97 25.52
CA GLU A 248 2.72 -8.83 26.24
C GLU A 248 3.38 -7.50 25.85
N GLY A 249 4.69 -7.38 26.05
CA GLY A 249 5.50 -6.24 25.60
C GLY A 249 5.22 -4.95 26.37
N TYR A 250 5.17 -4.97 27.70
CA TYR A 250 4.98 -3.73 28.51
C TYR A 250 6.14 -2.77 28.21
N LEU A 251 5.84 -1.57 27.71
CA LEU A 251 6.82 -0.49 27.42
C LEU A 251 6.71 0.66 28.44
N TYR A 252 7.85 1.09 28.96
CA TYR A 252 8.02 2.43 29.60
C TYR A 252 8.34 3.43 28.48
N GLU A 253 8.42 4.71 28.86
CA GLU A 253 8.96 5.78 27.97
C GLU A 253 10.11 6.48 28.70
N LEU A 254 11.29 6.52 28.07
CA LEU A 254 12.43 7.33 28.56
C LEU A 254 12.41 8.64 27.79
N CYS A 255 11.92 9.69 28.45
CA CYS A 255 11.94 11.07 27.91
C CYS A 255 13.34 11.64 28.20
N VAL A 256 14.09 11.88 27.14
CA VAL A 256 15.46 12.48 27.20
C VAL A 256 15.32 13.95 26.79
N THR A 257 15.85 14.85 27.60
CA THR A 257 15.81 16.32 27.34
C THR A 257 17.24 16.84 27.22
N ALA A 258 17.55 17.46 26.07
CA ALA A 258 18.80 18.22 25.80
C ALA A 258 18.51 19.71 25.97
N LYS A 259 19.14 20.36 26.96
CA LYS A 259 18.83 21.76 27.37
C LYS A 259 20.09 22.64 27.30
N SER A 260 20.17 23.53 26.31
CA SER A 260 21.12 24.69 26.28
C SER A 260 20.57 25.84 27.14
N GLN A 261 21.26 27.00 27.16
CA GLN A 261 20.78 28.23 27.84
C GLN A 261 19.53 28.76 27.10
N THR A 262 19.56 28.84 25.76
CA THR A 262 18.45 29.37 24.91
C THR A 262 17.32 28.34 24.79
N GLU A 263 17.57 27.22 24.10
CA GLU A 263 16.51 26.29 23.61
C GLU A 263 16.73 24.86 24.13
N CYS A 264 15.74 23.99 23.91
CA CYS A 264 15.72 22.60 24.45
C CYS A 264 15.07 21.64 23.45
N ASP A 265 15.50 20.36 23.48
CA ASP A 265 14.98 19.22 22.67
C ASP A 265 14.43 18.13 23.60
N ILE A 266 13.36 17.45 23.14
CA ILE A 266 12.68 16.36 23.89
C ILE A 266 12.50 15.15 22.95
N TYR A 267 13.15 14.03 23.30
CA TYR A 267 13.08 12.73 22.57
C TYR A 267 12.48 11.70 23.52
N PRO A 268 11.31 11.10 23.18
CA PRO A 268 10.79 9.96 23.93
C PRO A 268 11.31 8.66 23.31
N LEU A 269 11.99 7.83 24.11
CA LEU A 269 12.46 6.50 23.66
C LEU A 269 11.70 5.42 24.42
N ARG A 270 10.94 4.58 23.71
CA ARG A 270 10.23 3.43 24.33
C ARG A 270 11.26 2.41 24.83
N VAL A 271 11.04 1.91 26.05
CA VAL A 271 11.99 1.01 26.77
C VAL A 271 11.22 -0.23 27.21
N GLY A 272 11.78 -1.39 26.93
CA GLY A 272 11.26 -2.64 27.48
C GLY A 272 12.24 -3.16 28.49
N ILE A 273 11.82 -3.26 29.74
CA ILE A 273 12.70 -3.79 30.82
C ILE A 273 12.71 -5.32 30.71
N ARG A 274 13.79 -5.86 30.12
CA ARG A 274 13.97 -7.33 29.93
C ARG A 274 15.44 -7.64 29.71
N SER A 275 15.84 -8.84 30.11
CA SER A 275 17.20 -9.39 29.89
C SER A 275 17.11 -10.64 29.03
N VAL A 276 18.21 -10.89 28.33
CA VAL A 276 18.41 -11.96 27.32
C VAL A 276 19.78 -12.59 27.59
N ALA A 277 19.83 -13.91 27.86
CA ALA A 277 21.08 -14.64 28.17
C ALA A 277 20.96 -16.10 27.74
N VAL A 278 21.92 -16.57 26.97
CA VAL A 278 22.23 -18.01 26.80
C VAL A 278 22.77 -18.52 28.12
N LYS A 279 22.31 -19.68 28.56
CA LYS A 279 22.82 -20.41 29.75
C LYS A 279 22.82 -21.89 29.40
N GLY A 280 24.00 -22.47 29.21
CA GLY A 280 24.17 -23.79 28.59
C GLY A 280 23.39 -23.86 27.28
N GLU A 281 22.36 -24.72 27.26
CA GLU A 281 21.56 -25.11 26.08
C GLU A 281 20.21 -24.37 26.07
N GLN A 282 19.99 -23.51 27.05
CA GLN A 282 18.74 -22.71 27.21
C GLN A 282 18.94 -21.26 26.79
N PHE A 283 17.90 -20.71 26.17
CA PHE A 283 17.78 -19.28 25.80
C PHE A 283 16.85 -18.62 26.81
N LEU A 284 17.41 -17.84 27.73
CA LEU A 284 16.64 -17.22 28.85
C LEU A 284 16.21 -15.81 28.45
N ILE A 285 14.94 -15.49 28.71
CA ILE A 285 14.38 -14.11 28.60
C ILE A 285 13.80 -13.81 29.98
N ASN A 286 14.24 -12.74 30.64
CA ASN A 286 13.84 -12.47 32.04
C ASN A 286 13.99 -13.74 32.89
N HIS A 287 15.12 -14.43 32.73
CA HIS A 287 15.67 -15.51 33.63
C HIS A 287 14.85 -16.81 33.49
N LYS A 288 14.07 -16.93 32.42
CA LYS A 288 13.07 -18.00 32.19
C LYS A 288 13.36 -18.59 30.81
N PRO A 289 13.49 -19.93 30.64
CA PRO A 289 13.73 -20.51 29.31
C PRO A 289 12.57 -20.17 28.36
N PHE A 290 12.90 -19.73 27.15
CA PHE A 290 11.96 -19.41 26.05
C PHE A 290 12.11 -20.44 24.93
N TYR A 291 10.98 -20.77 24.29
CA TYR A 291 10.88 -21.59 23.07
C TYR A 291 10.27 -20.74 21.94
N PHE A 292 11.08 -20.46 20.94
CA PHE A 292 10.70 -19.75 19.70
C PHE A 292 9.78 -20.63 18.85
N THR A 293 8.67 -20.05 18.42
CA THR A 293 7.86 -20.57 17.28
C THR A 293 7.74 -19.47 16.24
N GLY A 294 7.50 -19.84 14.98
CA GLY A 294 7.13 -18.85 13.95
C GLY A 294 7.95 -19.03 12.71
N PHE A 295 8.51 -17.96 12.18
CA PHE A 295 8.90 -17.95 10.75
C PHE A 295 10.21 -17.23 10.46
N GLY A 296 10.85 -17.72 9.40
CA GLY A 296 11.63 -16.85 8.51
C GLY A 296 10.67 -16.11 7.61
N ARG A 297 10.88 -14.81 7.45
CA ARG A 297 9.98 -13.94 6.65
C ARG A 297 10.79 -13.46 5.45
N HIS A 298 10.16 -12.62 4.66
CA HIS A 298 10.80 -11.79 3.61
C HIS A 298 9.97 -10.52 3.51
N GLU A 299 10.56 -9.46 3.00
CA GLU A 299 9.81 -8.25 2.65
C GLU A 299 9.47 -8.42 1.17
N ASP A 300 8.29 -8.97 0.92
CA ASP A 300 7.88 -9.40 -0.45
C ASP A 300 6.35 -9.47 -0.52
N ALA A 301 5.82 -8.99 -1.64
CA ALA A 301 4.39 -8.97 -1.95
C ALA A 301 4.20 -8.61 -3.43
N ASP A 302 3.03 -8.92 -3.97
CA ASP A 302 2.65 -8.59 -5.37
C ASP A 302 2.80 -7.07 -5.59
N LEU A 303 3.20 -6.72 -6.81
CA LEU A 303 3.29 -5.34 -7.34
C LEU A 303 4.34 -4.47 -6.61
N ARG A 304 4.47 -4.51 -5.28
CA ARG A 304 5.35 -3.53 -4.60
C ARG A 304 6.74 -4.10 -4.27
N GLY A 305 7.07 -5.32 -4.71
CA GLY A 305 8.35 -5.95 -4.35
C GLY A 305 8.56 -5.87 -2.84
N LYS A 306 9.62 -5.20 -2.38
CA LYS A 306 10.03 -5.19 -0.95
C LYS A 306 9.59 -3.89 -0.30
N GLY A 307 8.75 -3.10 -0.99
CA GLY A 307 8.27 -1.84 -0.42
C GLY A 307 7.49 -2.08 0.86
N PHE A 308 7.70 -1.22 1.86
CA PHE A 308 6.94 -1.16 3.13
C PHE A 308 5.49 -0.83 2.79
N ASP A 309 4.56 -1.38 3.58
CA ASP A 309 3.12 -1.12 3.42
C ASP A 309 2.39 -1.47 4.70
N ASN A 310 1.54 -0.57 5.17
CA ASN A 310 0.96 -0.68 6.53
C ASN A 310 -0.13 -1.75 6.50
N VAL A 311 -0.97 -1.86 5.47
CA VAL A 311 -2.06 -2.89 5.44
C VAL A 311 -1.41 -4.28 5.48
N LEU A 312 -0.36 -4.47 4.68
CA LEU A 312 0.41 -5.74 4.64
C LEU A 312 0.96 -6.03 6.04
N MET A 313 1.52 -5.06 6.76
CA MET A 313 2.11 -5.32 8.08
C MET A 313 0.98 -5.69 9.03
N VAL A 314 -0.16 -4.99 8.98
CA VAL A 314 -1.29 -5.26 9.91
C VAL A 314 -1.80 -6.68 9.64
N HIS A 315 -1.95 -7.03 8.37
CA HIS A 315 -2.49 -8.35 7.92
C HIS A 315 -1.54 -9.49 8.30
N ASP A 316 -0.25 -9.35 8.02
CA ASP A 316 0.72 -10.44 8.29
C ASP A 316 0.77 -10.64 9.79
N HIS A 317 0.74 -9.58 10.61
CA HIS A 317 0.79 -9.73 12.08
C HIS A 317 -0.49 -10.43 12.57
N ALA A 318 -1.65 -10.15 11.97
CA ALA A 318 -2.90 -10.87 12.33
C ALA A 318 -2.73 -12.36 12.04
N LEU A 319 -2.14 -12.70 10.89
CA LEU A 319 -1.87 -14.11 10.50
C LEU A 319 -0.89 -14.75 11.49
N MET A 320 0.21 -14.08 11.86
CA MET A 320 1.22 -14.66 12.81
C MET A 320 0.59 -14.86 14.19
N ASP A 321 -0.26 -13.93 14.63
CA ASP A 321 -0.98 -14.02 15.91
C ASP A 321 -1.99 -15.19 15.86
N TRP A 322 -2.82 -15.23 14.84
CA TRP A 322 -3.78 -16.33 14.62
C TRP A 322 -3.05 -17.69 14.74
N ILE A 323 -1.92 -17.83 14.06
CA ILE A 323 -1.30 -19.16 13.89
C ILE A 323 -0.54 -19.58 15.16
N GLY A 324 -0.30 -18.66 16.10
CA GLY A 324 0.39 -18.93 17.36
C GLY A 324 1.88 -18.65 17.29
N ALA A 325 2.35 -17.97 16.24
CA ALA A 325 3.79 -17.61 16.15
C ALA A 325 4.12 -16.61 17.26
N ASN A 326 5.24 -16.80 17.96
CA ASN A 326 5.72 -15.86 19.01
C ASN A 326 6.98 -15.16 18.53
N SER A 327 7.49 -15.46 17.33
CA SER A 327 8.82 -14.93 16.93
C SER A 327 9.02 -15.02 15.44
N TYR A 328 10.01 -14.29 14.95
CA TYR A 328 10.51 -14.41 13.55
C TYR A 328 11.93 -13.91 13.46
N ARG A 329 12.51 -14.08 12.27
CA ARG A 329 13.86 -13.61 11.92
C ARG A 329 13.72 -12.69 10.71
N THR A 330 14.48 -11.61 10.71
CA THR A 330 14.47 -10.64 9.59
C THR A 330 15.34 -11.22 8.49
N SER A 331 14.96 -12.37 7.95
CA SER A 331 15.68 -13.04 6.84
C SER A 331 15.43 -12.21 5.59
N HIS A 332 16.45 -11.90 4.75
CA HIS A 332 17.87 -11.92 5.05
C HIS A 332 18.47 -10.50 4.89
N TYR A 333 17.88 -9.53 5.57
CA TYR A 333 18.26 -8.09 5.49
C TYR A 333 17.53 -7.42 6.64
N PRO A 334 18.03 -6.29 7.17
CA PRO A 334 17.29 -5.51 8.15
C PRO A 334 15.91 -5.15 7.58
N TYR A 335 14.88 -5.32 8.39
CA TYR A 335 13.47 -5.04 8.00
C TYR A 335 13.11 -3.59 8.33
N ALA A 336 12.02 -3.08 7.72
CA ALA A 336 11.45 -1.75 8.04
C ALA A 336 11.36 -1.63 9.55
N GLU A 337 11.85 -0.53 10.13
CA GLU A 337 11.87 -0.37 11.60
C GLU A 337 10.44 -0.38 12.18
N GLU A 338 9.44 0.02 11.40
CA GLU A 338 8.02 -0.11 11.90
C GLU A 338 7.72 -1.57 12.25
N MET A 339 8.48 -2.54 11.71
CA MET A 339 8.32 -3.97 12.13
C MET A 339 8.83 -4.18 13.56
N LEU A 340 9.95 -3.53 13.92
CA LEU A 340 10.55 -3.64 15.28
C LEU A 340 9.69 -2.80 16.24
N ASP A 341 9.11 -1.68 15.79
CA ASP A 341 8.17 -0.93 16.66
C ASP A 341 6.93 -1.79 16.95
N TRP A 342 6.33 -2.40 15.93
CA TRP A 342 5.22 -3.38 16.15
C TRP A 342 5.65 -4.48 17.15
N ALA A 343 6.80 -5.11 16.97
CA ALA A 343 7.24 -6.21 17.87
C ALA A 343 7.38 -5.74 19.32
N ASP A 344 8.01 -4.58 19.52
CA ASP A 344 8.19 -3.95 20.85
C ASP A 344 6.82 -3.89 21.54
N GLU A 345 5.85 -3.32 20.86
CA GLU A 345 4.50 -3.01 21.38
C GLU A 345 3.70 -4.29 21.66
N HIS A 346 3.90 -5.35 20.86
CA HIS A 346 3.05 -6.57 20.93
C HIS A 346 3.81 -7.71 21.62
N GLY A 347 5.04 -7.48 22.08
CA GLY A 347 5.86 -8.51 22.75
C GLY A 347 6.31 -9.67 21.85
N ILE A 348 6.60 -9.39 20.58
CA ILE A 348 7.05 -10.36 19.53
C ILE A 348 8.57 -10.45 19.61
N VAL A 349 9.12 -11.67 19.70
CA VAL A 349 10.58 -11.92 19.83
C VAL A 349 11.24 -11.96 18.43
N VAL A 350 12.26 -11.14 18.18
CA VAL A 350 12.86 -11.00 16.83
C VAL A 350 14.33 -11.38 16.85
N ILE A 351 14.75 -12.15 15.84
CA ILE A 351 16.18 -12.36 15.49
C ILE A 351 16.51 -11.40 14.36
N ASP A 352 17.33 -10.40 14.66
CA ASP A 352 17.67 -9.30 13.73
C ASP A 352 18.86 -9.75 12.90
N GLU A 353 18.79 -9.68 11.57
CA GLU A 353 19.81 -10.24 10.67
C GLU A 353 20.32 -9.15 9.72
N THR A 354 21.59 -9.25 9.30
CA THR A 354 22.23 -8.34 8.30
C THR A 354 21.86 -8.85 6.91
N ALA A 355 22.18 -8.08 5.89
CA ALA A 355 21.98 -8.40 4.46
C ALA A 355 23.08 -9.35 3.95
N ALA A 356 23.90 -9.92 4.85
CA ALA A 356 25.08 -10.76 4.53
C ALA A 356 24.63 -12.19 4.21
N VAL A 357 24.03 -12.38 3.05
CA VAL A 357 23.63 -13.71 2.50
C VAL A 357 24.36 -13.79 1.17
N GLY A 358 24.66 -15.00 0.71
CA GLY A 358 25.24 -15.20 -0.63
C GLY A 358 26.73 -15.44 -0.55
N PHE A 359 27.30 -15.61 0.64
CA PHE A 359 28.76 -15.87 0.81
C PHE A 359 28.97 -17.36 0.65
N ASN A 360 28.69 -17.90 -0.54
CA ASN A 360 28.54 -19.36 -0.75
C ASN A 360 28.36 -19.57 -2.25
N LEU A 361 29.32 -20.20 -2.92
CA LEU A 361 29.24 -20.46 -4.37
C LEU A 361 28.78 -21.90 -4.60
N SER A 362 28.37 -22.59 -3.54
CA SER A 362 28.07 -24.04 -3.58
C SER A 362 26.57 -24.32 -3.52
N LEU A 363 25.71 -23.31 -3.61
CA LEU A 363 24.26 -23.58 -3.50
C LEU A 363 23.60 -23.80 -4.87
N GLY A 364 24.32 -23.51 -5.97
CA GLY A 364 23.85 -23.63 -7.37
C GLY A 364 22.34 -23.79 -7.49
N ASN A 371 30.47 -18.75 -14.58
CA ASN A 371 31.61 -19.36 -13.84
C ASN A 371 31.97 -18.45 -12.65
N LYS A 372 31.90 -19.01 -11.44
CA LYS A 372 32.12 -18.30 -10.16
C LYS A 372 33.58 -18.46 -9.74
N PRO A 373 34.21 -17.46 -9.08
CA PRO A 373 35.58 -17.58 -8.57
C PRO A 373 35.83 -18.87 -7.78
N LYS A 374 37.05 -19.38 -7.84
CA LYS A 374 37.37 -20.77 -7.43
C LYS A 374 37.46 -20.82 -5.90
N GLU A 375 37.98 -19.76 -5.29
CA GLU A 375 38.12 -19.68 -3.81
C GLU A 375 37.26 -18.53 -3.31
N LEU A 376 36.29 -18.84 -2.46
CA LEU A 376 35.34 -17.87 -1.88
C LEU A 376 36.08 -16.77 -1.12
N TYR A 377 37.00 -17.17 -0.25
CA TYR A 377 37.82 -16.26 0.57
C TYR A 377 39.14 -16.08 -0.17
N SER A 378 39.22 -14.99 -0.92
CA SER A 378 40.40 -14.62 -1.74
C SER A 378 40.27 -13.16 -2.18
N GLU A 379 41.37 -12.62 -2.71
N GLU A 379 41.37 -12.61 -2.71
CA GLU A 379 41.44 -11.21 -3.17
CA GLU A 379 41.41 -11.19 -3.16
C GLU A 379 40.41 -10.98 -4.30
C GLU A 379 40.39 -10.97 -4.31
N GLU A 380 40.12 -11.98 -5.17
CA GLU A 380 39.16 -11.83 -6.34
C GLU A 380 37.70 -12.05 -5.90
N ALA A 381 37.46 -12.42 -4.64
CA ALA A 381 36.08 -12.53 -4.09
C ALA A 381 35.97 -11.89 -2.70
N VAL A 382 35.54 -12.68 -1.71
CA VAL A 382 35.38 -12.16 -0.31
C VAL A 382 36.79 -11.83 0.17
N ASN A 383 37.14 -10.55 0.27
CA ASN A 383 38.51 -10.09 0.66
C ASN A 383 38.40 -9.12 1.84
N GLY A 384 39.50 -8.41 2.14
CA GLY A 384 39.57 -7.48 3.27
C GLY A 384 38.56 -6.37 3.13
N GLU A 385 38.33 -5.88 1.90
CA GLU A 385 37.29 -4.84 1.62
C GLU A 385 35.92 -5.43 1.98
N THR A 386 35.65 -6.66 1.52
CA THR A 386 34.34 -7.30 1.79
C THR A 386 34.11 -7.34 3.29
N GLN A 387 35.14 -7.70 4.06
CA GLN A 387 35.04 -7.81 5.53
C GLN A 387 34.72 -6.44 6.13
N GLN A 388 35.32 -5.37 5.59
CA GLN A 388 35.11 -3.97 6.04
C GLN A 388 33.64 -3.57 5.78
N ALA A 389 33.15 -3.80 4.55
CA ALA A 389 31.74 -3.63 4.15
C ALA A 389 30.80 -4.43 5.06
N HIS A 390 31.20 -5.63 5.49
CA HIS A 390 30.39 -6.49 6.40
C HIS A 390 30.36 -5.86 7.79
N LEU A 391 31.51 -5.44 8.31
CA LEU A 391 31.56 -4.86 9.67
C LEU A 391 30.71 -3.58 9.68
N GLN A 392 30.70 -2.84 8.58
CA GLN A 392 29.90 -1.59 8.42
C GLN A 392 28.42 -1.98 8.44
N ALA A 393 28.04 -2.99 7.63
CA ALA A 393 26.67 -3.54 7.62
C ALA A 393 26.25 -3.86 9.07
N ILE A 394 27.11 -4.52 9.85
CA ILE A 394 26.76 -4.87 11.27
C ILE A 394 26.60 -3.60 12.11
N LYS A 395 27.49 -2.62 11.94
CA LYS A 395 27.47 -1.36 12.74
C LYS A 395 26.16 -0.61 12.53
N GLU A 396 25.75 -0.41 11.27
CA GLU A 396 24.49 0.32 10.94
C GLU A 396 23.32 -0.46 11.53
N LEU A 397 23.31 -1.78 11.49
CA LEU A 397 22.12 -2.52 11.97
C LEU A 397 22.01 -2.29 13.46
N ILE A 398 23.09 -2.46 14.20
CA ILE A 398 23.06 -2.33 15.69
C ILE A 398 22.73 -0.87 16.07
N ALA A 399 23.32 0.10 15.35
CA ALA A 399 23.09 1.56 15.52
C ALA A 399 21.58 1.82 15.51
N ARG A 400 20.89 1.20 14.55
CA ARG A 400 19.42 1.36 14.38
C ARG A 400 18.70 0.67 15.55
N ASP A 401 19.08 -0.57 15.86
CA ASP A 401 18.17 -1.53 16.52
C ASP A 401 18.59 -1.83 17.95
N LYS A 402 19.70 -1.28 18.48
CA LYS A 402 20.20 -1.56 19.86
C LYS A 402 19.13 -1.33 20.95
N ASN A 403 18.13 -0.46 20.75
CA ASN A 403 17.20 -0.12 21.87
C ASN A 403 15.85 -0.82 21.67
N HIS A 404 15.67 -1.60 20.60
CA HIS A 404 14.43 -2.41 20.44
C HIS A 404 14.46 -3.58 21.42
N PRO A 405 13.58 -3.64 22.43
CA PRO A 405 13.57 -4.81 23.32
C PRO A 405 13.10 -6.10 22.62
N SER A 406 12.36 -5.98 21.52
CA SER A 406 11.92 -7.14 20.71
C SER A 406 13.15 -7.89 20.15
N VAL A 407 14.26 -7.17 19.90
CA VAL A 407 15.47 -7.82 19.31
C VAL A 407 16.24 -8.52 20.42
N VAL A 408 16.39 -9.84 20.31
CA VAL A 408 16.97 -10.70 21.38
C VAL A 408 18.30 -11.31 20.91
N MET A 409 18.67 -11.12 19.65
CA MET A 409 19.86 -11.79 19.08
C MET A 409 20.18 -11.15 17.74
N TRP A 410 21.48 -10.99 17.45
CA TRP A 410 22.01 -10.52 16.13
C TRP A 410 22.45 -11.74 15.30
N SER A 411 21.95 -11.89 14.07
CA SER A 411 22.48 -12.84 13.08
C SER A 411 23.37 -12.03 12.14
N ILE A 412 24.67 -12.35 12.03
CA ILE A 412 25.60 -11.48 11.25
C ILE A 412 25.71 -11.95 9.81
N ALA A 413 25.18 -13.14 9.49
CA ALA A 413 25.23 -13.71 8.12
C ALA A 413 24.27 -14.89 7.99
N ASN A 414 23.84 -15.19 6.76
CA ASN A 414 22.99 -16.37 6.50
C ASN A 414 23.71 -17.33 5.53
N GLU A 415 23.99 -18.55 5.98
CA GLU A 415 24.43 -19.69 5.15
C GLU A 415 25.72 -19.36 4.38
N PRO A 416 26.82 -18.92 5.04
CA PRO A 416 28.10 -18.83 4.36
C PRO A 416 28.70 -20.23 4.20
N ASP A 417 29.45 -20.48 3.13
CA ASP A 417 30.26 -21.72 2.98
C ASP A 417 31.41 -21.64 3.98
N THR A 418 31.44 -22.49 5.01
CA THR A 418 32.46 -22.43 6.10
C THR A 418 33.48 -23.56 5.92
N ARG A 419 33.42 -24.31 4.83
CA ARG A 419 34.37 -25.42 4.61
C ARG A 419 35.78 -24.84 4.49
N PRO A 420 36.03 -23.85 3.59
CA PRO A 420 37.38 -23.37 3.34
C PRO A 420 38.09 -22.82 4.59
N GLN A 421 39.40 -23.11 4.70
CA GLN A 421 40.35 -22.28 5.48
C GLN A 421 40.18 -20.89 4.87
N GLY A 422 39.91 -19.90 5.71
CA GLY A 422 39.50 -18.58 5.20
C GLY A 422 38.21 -18.17 5.85
N ALA A 423 37.24 -19.09 5.92
CA ALA A 423 35.93 -18.81 6.54
C ALA A 423 36.19 -18.31 7.97
N ARG A 424 37.00 -19.03 8.74
CA ARG A 424 37.26 -18.68 10.16
C ARG A 424 38.08 -17.38 10.27
N GLU A 425 39.02 -17.15 9.36
CA GLU A 425 39.84 -15.90 9.26
C GLU A 425 38.95 -14.69 8.99
N TYR A 426 37.95 -14.82 8.10
CA TYR A 426 36.95 -13.76 7.78
C TYR A 426 36.02 -13.55 9.00
N PHE A 427 35.48 -14.60 9.61
CA PHE A 427 34.30 -14.46 10.50
C PHE A 427 34.74 -14.16 11.93
N ALA A 428 35.92 -14.61 12.38
CA ALA A 428 36.27 -14.45 13.82
C ALA A 428 36.27 -12.97 14.21
N PRO A 429 36.97 -12.06 13.47
CA PRO A 429 36.98 -10.65 13.87
C PRO A 429 35.59 -9.97 13.82
N LEU A 430 34.72 -10.36 12.88
CA LEU A 430 33.32 -9.83 12.77
C LEU A 430 32.54 -10.25 14.03
N ALA A 431 32.67 -11.51 14.46
CA ALA A 431 32.04 -11.98 15.71
C ALA A 431 32.52 -11.13 16.89
N GLU A 432 33.83 -10.96 17.02
CA GLU A 432 34.41 -10.20 18.15
C GLU A 432 33.88 -8.75 18.10
N ALA A 433 33.93 -8.08 16.95
CA ALA A 433 33.47 -6.67 16.81
C ALA A 433 31.99 -6.56 17.18
N THR A 434 31.12 -7.50 16.75
CA THR A 434 29.66 -7.43 16.99
C THR A 434 29.43 -7.35 18.51
N ARG A 435 30.10 -8.21 19.28
CA ARG A 435 29.94 -8.33 20.74
C ARG A 435 30.35 -7.04 21.44
N LYS A 436 31.38 -6.38 20.91
CA LYS A 436 31.89 -5.05 21.38
C LYS A 436 30.81 -4.00 21.12
N LEU A 437 30.27 -3.97 19.89
CA LEU A 437 29.18 -3.04 19.51
C LEU A 437 27.94 -3.28 20.39
N ASP A 438 27.65 -4.50 20.85
CA ASP A 438 26.48 -4.70 21.74
C ASP A 438 26.67 -5.90 22.65
N PRO A 439 27.31 -5.73 23.84
CA PRO A 439 27.46 -6.80 24.80
C PRO A 439 26.16 -7.38 25.37
N THR A 440 25.00 -6.82 25.07
CA THR A 440 23.74 -7.13 25.80
C THR A 440 22.98 -8.25 25.10
N ARG A 441 23.34 -8.61 23.87
CA ARG A 441 22.60 -9.69 23.15
C ARG A 441 23.53 -10.82 22.71
N PRO A 442 23.04 -12.08 22.72
CA PRO A 442 23.74 -13.17 22.05
C PRO A 442 23.87 -12.93 20.54
N ILE A 443 24.87 -13.57 19.93
CA ILE A 443 25.13 -13.50 18.46
C ILE A 443 25.07 -14.89 17.83
N THR A 444 24.79 -14.92 16.52
CA THR A 444 24.66 -16.17 15.73
C THR A 444 25.08 -15.89 14.30
N CYS A 445 25.40 -16.96 13.59
CA CYS A 445 25.63 -17.03 12.12
C CYS A 445 24.80 -18.21 11.60
N VAL A 446 23.84 -17.94 10.73
CA VAL A 446 22.85 -19.00 10.36
C VAL A 446 23.55 -20.01 9.46
N ASN A 447 23.41 -21.29 9.81
CA ASN A 447 24.26 -22.37 9.29
C ASN A 447 23.55 -23.13 8.15
N VAL A 448 24.24 -23.31 7.03
CA VAL A 448 23.78 -24.02 5.80
C VAL A 448 23.89 -25.54 5.98
N MET A 449 23.02 -26.29 5.32
CA MET A 449 22.83 -27.75 5.52
C MET A 449 24.14 -28.52 5.23
N PHE A 450 24.85 -28.19 4.17
CA PHE A 450 26.08 -28.94 3.79
C PHE A 450 27.24 -28.63 4.75
N CYS A 451 27.21 -27.56 5.54
CA CYS A 451 28.22 -27.28 6.59
C CYS A 451 27.74 -27.92 7.90
N ASP A 452 27.67 -29.24 7.89
CA ASP A 452 27.09 -30.07 8.97
C ASP A 452 28.04 -30.02 10.18
N ALA A 453 27.64 -30.70 11.26
CA ALA A 453 28.28 -30.71 12.60
C ALA A 453 29.75 -31.13 12.50
N HIS A 454 30.10 -31.93 11.49
CA HIS A 454 31.47 -32.49 11.30
C HIS A 454 32.29 -31.60 10.36
N THR A 455 31.66 -30.73 9.55
CA THR A 455 32.28 -29.98 8.42
C THR A 455 32.49 -28.48 8.77
N ASP A 456 31.56 -27.89 9.54
CA ASP A 456 31.51 -26.45 9.84
C ASP A 456 32.70 -26.05 10.71
N THR A 457 33.29 -24.89 10.42
CA THR A 457 34.51 -24.38 11.06
C THR A 457 34.29 -23.06 11.83
N ILE A 458 33.07 -22.58 12.10
CA ILE A 458 32.94 -21.23 12.77
C ILE A 458 31.92 -21.18 13.91
N SER A 459 31.05 -22.18 14.06
CA SER A 459 29.85 -22.05 14.92
C SER A 459 30.27 -21.88 16.39
N ASP A 460 31.44 -22.40 16.76
CA ASP A 460 32.00 -22.28 18.15
C ASP A 460 32.19 -20.80 18.51
N LEU A 461 32.35 -19.90 17.53
CA LEU A 461 32.61 -18.46 17.76
C LEU A 461 31.34 -17.70 18.17
N PHE A 462 30.16 -18.32 18.08
CA PHE A 462 28.86 -17.65 18.28
C PHE A 462 28.17 -18.32 19.47
N ASP A 463 27.02 -17.79 19.91
CA ASP A 463 26.39 -18.14 21.21
C ASP A 463 25.22 -19.11 20.97
N VAL A 464 24.51 -18.97 19.85
CA VAL A 464 23.28 -19.77 19.61
C VAL A 464 23.41 -20.42 18.23
N LEU A 465 23.04 -21.70 18.15
CA LEU A 465 23.23 -22.51 16.94
C LEU A 465 21.94 -22.44 16.13
N CYS A 466 22.00 -21.78 14.98
CA CYS A 466 20.83 -21.47 14.12
C CYS A 466 21.00 -22.26 12.83
N LEU A 467 20.19 -23.32 12.68
CA LEU A 467 20.31 -24.36 11.62
C LEU A 467 19.17 -24.23 10.62
N ASN A 468 19.54 -24.37 9.36
CA ASN A 468 18.63 -24.37 8.18
C ASN A 468 18.73 -25.78 7.60
N ARG A 469 17.68 -26.59 7.73
CA ARG A 469 17.71 -28.04 7.41
C ARG A 469 16.52 -28.45 6.53
N TYR A 470 16.85 -29.18 5.48
CA TYR A 470 16.01 -29.61 4.36
C TYR A 470 16.19 -31.11 4.07
N TYR A 471 16.54 -31.92 5.09
CA TYR A 471 16.53 -33.40 5.00
C TYR A 471 15.12 -33.80 4.54
N GLY A 472 15.04 -34.62 3.49
CA GLY A 472 13.73 -35.10 3.02
C GLY A 472 13.23 -34.24 1.88
N TRP A 473 14.00 -33.20 1.53
CA TRP A 473 13.66 -32.25 0.45
C TRP A 473 14.82 -32.24 -0.55
N TYR A 474 15.95 -31.57 -0.26
CA TYR A 474 17.09 -31.44 -1.21
C TYR A 474 17.92 -32.74 -1.19
N VAL A 475 17.83 -33.51 -0.12
CA VAL A 475 18.52 -34.82 0.04
C VAL A 475 17.50 -35.72 0.73
N GLN A 476 17.70 -37.04 0.71
CA GLN A 476 16.64 -38.04 1.02
C GLN A 476 15.28 -37.58 0.46
N SER A 477 15.25 -37.10 -0.78
CA SER A 477 14.06 -36.49 -1.41
C SER A 477 12.86 -37.43 -1.32
N GLY A 478 11.85 -37.06 -0.52
CA GLY A 478 10.51 -37.68 -0.47
C GLY A 478 10.43 -38.80 0.56
N ASP A 479 11.52 -39.02 1.29
CA ASP A 479 11.67 -40.21 2.16
C ASP A 479 11.74 -39.70 3.59
N LEU A 480 10.59 -39.71 4.28
CA LEU A 480 10.44 -39.16 5.65
C LEU A 480 11.18 -40.05 6.65
N GLU A 481 11.13 -41.35 6.38
CA GLU A 481 11.79 -42.41 7.18
C GLU A 481 13.29 -42.11 7.31
N THR A 482 14.02 -41.99 6.19
CA THR A 482 15.50 -41.77 6.18
C THR A 482 15.79 -40.34 6.64
N ALA A 483 15.00 -39.37 6.19
CA ALA A 483 15.15 -37.95 6.60
C ALA A 483 15.13 -37.81 8.12
N GLU A 484 14.20 -38.47 8.81
CA GLU A 484 14.04 -38.36 10.29
C GLU A 484 15.31 -38.88 11.00
N LYS A 485 15.86 -40.02 10.55
CA LYS A 485 17.11 -40.60 11.13
C LYS A 485 18.27 -39.62 10.95
N VAL A 486 18.38 -39.03 9.77
CA VAL A 486 19.49 -38.09 9.42
C VAL A 486 19.32 -36.80 10.24
N LEU A 487 18.09 -36.29 10.35
CA LEU A 487 17.85 -35.05 11.10
C LEU A 487 18.21 -35.29 12.57
N GLU A 488 17.68 -36.33 13.18
CA GLU A 488 17.87 -36.54 14.64
C GLU A 488 19.37 -36.76 14.92
N LYS A 489 20.04 -37.52 14.08
CA LYS A 489 21.49 -37.80 14.26
C LYS A 489 22.26 -36.46 14.27
N GLU A 490 21.96 -35.54 13.34
CA GLU A 490 22.78 -34.33 13.19
C GLU A 490 22.47 -33.39 14.35
N LEU A 491 21.22 -33.33 14.81
CA LEU A 491 20.88 -32.36 15.87
C LEU A 491 21.66 -32.78 17.13
N LEU A 492 21.57 -34.04 17.51
CA LEU A 492 22.37 -34.62 18.64
C LEU A 492 23.87 -34.39 18.44
N ALA A 493 24.41 -34.56 17.23
CA ALA A 493 25.85 -34.33 17.00
C ALA A 493 26.20 -32.85 17.27
N TRP A 494 25.27 -31.91 17.00
CA TRP A 494 25.52 -30.46 17.26
C TRP A 494 25.45 -30.22 18.77
N GLN A 495 24.51 -30.86 19.43
CA GLN A 495 24.36 -30.74 20.91
C GLN A 495 25.65 -31.22 21.58
N GLU A 496 26.13 -32.41 21.23
CA GLU A 496 27.43 -32.96 21.72
C GLU A 496 28.57 -31.99 21.36
N LYS A 497 28.60 -31.45 20.14
CA LYS A 497 29.80 -30.71 19.64
C LYS A 497 29.93 -29.40 20.41
N LEU A 498 28.85 -28.62 20.55
CA LEU A 498 28.97 -27.22 21.01
C LEU A 498 28.22 -26.97 22.31
N HIS A 499 27.25 -27.82 22.68
CA HIS A 499 26.41 -27.64 23.88
C HIS A 499 25.79 -26.22 23.93
N GLN A 500 25.33 -25.73 22.78
CA GLN A 500 24.64 -24.42 22.63
C GLN A 500 23.15 -24.66 22.49
N PRO A 501 22.30 -23.61 22.66
CA PRO A 501 20.89 -23.70 22.34
C PRO A 501 20.84 -23.76 20.80
N ILE A 502 19.92 -24.58 20.29
CA ILE A 502 19.71 -24.79 18.83
C ILE A 502 18.37 -24.18 18.43
N ILE A 503 18.37 -23.27 17.46
CA ILE A 503 17.12 -22.81 16.80
C ILE A 503 17.16 -23.38 15.39
N ILE A 504 16.11 -24.11 14.99
CA ILE A 504 15.95 -24.47 13.57
C ILE A 504 15.38 -23.24 12.91
N THR A 505 16.24 -22.44 12.30
CA THR A 505 15.79 -21.14 11.72
C THR A 505 15.14 -21.39 10.34
N GLU A 506 15.39 -22.53 9.73
CA GLU A 506 14.65 -22.87 8.49
C GLU A 506 14.36 -24.37 8.45
N TYR A 507 13.11 -24.69 8.18
CA TYR A 507 12.68 -26.04 7.77
C TYR A 507 11.41 -25.85 6.97
N GLY A 508 11.38 -26.36 5.74
CA GLY A 508 10.24 -26.17 4.84
C GLY A 508 10.45 -26.89 3.53
N VAL A 509 9.37 -26.99 2.76
CA VAL A 509 9.31 -27.76 1.49
C VAL A 509 8.45 -26.98 0.52
N ASP A 510 8.85 -26.94 -0.74
CA ASP A 510 8.01 -26.27 -1.77
C ASP A 510 6.69 -27.02 -1.88
N THR A 511 5.61 -26.26 -1.93
CA THR A 511 4.22 -26.73 -1.84
C THR A 511 3.40 -25.88 -2.81
N LEU A 512 2.92 -26.49 -3.87
CA LEU A 512 2.00 -25.79 -4.78
C LEU A 512 0.62 -25.74 -4.14
N ALA A 513 0.12 -24.57 -3.78
CA ALA A 513 -1.26 -24.45 -3.26
C ALA A 513 -2.21 -25.18 -4.21
N GLY A 514 -3.05 -26.05 -3.66
CA GLY A 514 -4.01 -26.85 -4.45
C GLY A 514 -3.44 -28.10 -5.11
N LEU A 515 -2.16 -28.43 -5.00
CA LEU A 515 -1.66 -29.74 -5.47
C LEU A 515 -1.91 -30.72 -4.33
N HIS A 516 -2.80 -31.67 -4.59
CA HIS A 516 -3.26 -32.65 -3.57
C HIS A 516 -2.90 -34.04 -4.06
N SER A 517 -2.45 -34.91 -3.15
CA SER A 517 -1.98 -36.27 -3.49
C SER A 517 -2.32 -37.26 -2.39
N MET A 518 -2.85 -38.44 -2.77
CA MET A 518 -3.06 -39.58 -1.86
C MET A 518 -1.70 -40.22 -1.54
N TYR A 519 -0.65 -39.91 -2.31
CA TYR A 519 0.68 -40.57 -2.15
C TYR A 519 1.60 -39.74 -1.21
N THR A 520 1.12 -38.64 -0.66
CA THR A 520 1.91 -37.76 0.26
C THR A 520 3.33 -37.59 -0.29
N ASP A 521 3.46 -37.05 -1.50
CA ASP A 521 4.76 -36.95 -2.21
C ASP A 521 5.05 -35.48 -2.49
N MET A 522 6.26 -35.22 -2.95
CA MET A 522 6.89 -33.89 -2.92
C MET A 522 6.04 -32.94 -3.76
N TRP A 523 5.95 -31.69 -3.29
CA TRP A 523 5.18 -30.54 -3.84
C TRP A 523 3.72 -30.56 -3.42
N SER A 524 3.18 -31.65 -2.88
CA SER A 524 1.77 -31.68 -2.42
C SER A 524 1.61 -30.96 -1.08
N GLU A 525 0.46 -30.30 -0.87
CA GLU A 525 -0.04 -29.83 0.46
C GLU A 525 0.14 -30.94 1.51
N GLU A 526 -0.17 -32.18 1.16
CA GLU A 526 -0.18 -33.28 2.17
C GLU A 526 1.25 -33.56 2.63
N TYR A 527 2.23 -33.49 1.74
CA TYR A 527 3.66 -33.72 2.10
C TYR A 527 4.15 -32.58 2.99
N GLN A 528 3.75 -31.36 2.68
CA GLN A 528 4.18 -30.21 3.53
C GLN A 528 3.75 -30.54 4.97
N CYS A 529 2.58 -31.15 5.12
CA CYS A 529 1.94 -31.41 6.44
C CYS A 529 2.70 -32.53 7.13
N ALA A 530 2.97 -33.63 6.43
CA ALA A 530 3.65 -34.83 6.95
C ALA A 530 5.08 -34.44 7.30
N TRP A 531 5.73 -33.70 6.42
CA TRP A 531 7.16 -33.33 6.60
C TRP A 531 7.33 -32.42 7.83
N LEU A 532 6.51 -31.38 8.00
CA LEU A 532 6.62 -30.47 9.18
C LEU A 532 6.34 -31.30 10.43
N ASP A 533 5.40 -32.23 10.30
CA ASP A 533 5.00 -33.08 11.43
C ASP A 533 6.21 -33.93 11.86
N MET A 534 6.92 -34.54 10.91
CA MET A 534 8.12 -35.37 11.20
C MET A 534 9.16 -34.49 11.92
N TYR A 535 9.50 -33.32 11.37
CA TYR A 535 10.48 -32.40 11.98
C TYR A 535 10.06 -32.07 13.41
N HIS A 536 8.78 -31.80 13.67
CA HIS A 536 8.28 -31.45 15.03
C HIS A 536 8.53 -32.59 16.03
N ARG A 537 8.35 -33.85 15.62
CA ARG A 537 8.50 -35.02 16.55
C ARG A 537 9.98 -35.14 16.93
N VAL A 538 10.87 -34.97 15.98
CA VAL A 538 12.33 -34.97 16.18
C VAL A 538 12.70 -33.85 17.15
N PHE A 539 12.23 -32.63 16.90
CA PHE A 539 12.60 -31.45 17.72
C PHE A 539 12.23 -31.75 19.18
N ASP A 540 11.06 -32.34 19.37
CA ASP A 540 10.50 -32.54 20.73
C ASP A 540 11.29 -33.63 21.48
N ARG A 541 12.26 -34.27 20.84
CA ARG A 541 13.06 -35.38 21.45
C ARG A 541 14.51 -34.94 21.71
N VAL A 542 14.89 -33.76 21.21
CA VAL A 542 16.25 -33.17 21.36
C VAL A 542 16.15 -31.97 22.34
N SER A 543 16.77 -32.04 23.51
CA SER A 543 16.60 -31.03 24.60
C SER A 543 17.27 -29.70 24.23
N ALA A 544 18.33 -29.73 23.41
CA ALA A 544 19.09 -28.53 22.99
C ALA A 544 18.24 -27.67 22.06
N VAL A 545 17.17 -28.22 21.46
CA VAL A 545 16.32 -27.47 20.49
C VAL A 545 15.43 -26.53 21.30
N VAL A 546 15.62 -25.23 21.10
CA VAL A 546 14.86 -24.17 21.83
C VAL A 546 14.04 -23.35 20.84
N GLY A 547 14.03 -23.69 19.56
CA GLY A 547 13.19 -22.90 18.64
C GLY A 547 12.92 -23.59 17.33
N GLU A 548 11.82 -23.20 16.69
CA GLU A 548 11.44 -23.68 15.34
C GLU A 548 10.89 -22.50 14.56
N GLN A 549 11.55 -22.14 13.48
CA GLN A 549 11.07 -21.06 12.59
C GLN A 549 10.90 -21.65 11.20
N VAL A 550 9.66 -21.73 10.74
CA VAL A 550 9.29 -22.44 9.49
C VAL A 550 9.82 -21.56 8.37
N TRP A 551 10.40 -22.15 7.34
CA TRP A 551 10.68 -21.43 6.08
C TRP A 551 9.59 -21.77 5.07
N ASN A 552 8.75 -20.84 4.62
CA ASN A 552 8.78 -19.41 4.89
C ASN A 552 7.35 -19.02 5.27
N PHE A 553 7.12 -17.83 5.79
CA PHE A 553 5.74 -17.33 6.02
C PHE A 553 4.95 -17.45 4.73
N ALA A 554 5.47 -16.93 3.63
CA ALA A 554 4.72 -16.81 2.36
C ALA A 554 5.65 -17.08 1.19
N ASP A 555 5.07 -17.63 0.14
CA ASP A 555 5.67 -17.76 -1.20
C ASP A 555 6.22 -16.38 -1.59
N PHE A 556 7.37 -16.34 -2.27
CA PHE A 556 8.04 -15.05 -2.57
C PHE A 556 8.79 -15.21 -3.90
N ALA A 557 9.13 -14.09 -4.54
CA ALA A 557 9.79 -14.06 -5.86
C ALA A 557 11.27 -14.39 -5.69
N THR A 558 11.83 -15.11 -6.67
CA THR A 558 13.28 -15.39 -6.82
C THR A 558 13.67 -15.06 -8.25
N SER A 559 14.96 -15.03 -8.58
CA SER A 559 15.35 -15.04 -10.01
C SER A 559 14.86 -16.36 -10.60
N GLN A 560 14.71 -16.38 -11.93
CA GLN A 560 14.15 -17.50 -12.71
C GLN A 560 15.12 -18.66 -12.69
N GLY A 561 14.60 -19.88 -12.79
CA GLY A 561 15.42 -21.08 -12.75
C GLY A 561 14.59 -22.33 -12.72
N ILE A 562 15.25 -23.43 -13.01
CA ILE A 562 14.58 -24.74 -13.11
C ILE A 562 14.17 -25.23 -11.71
N LEU A 563 14.64 -24.62 -10.59
CA LEU A 563 14.29 -25.12 -9.21
C LEU A 563 13.12 -24.35 -8.60
N ARG A 564 12.67 -23.26 -9.25
CA ARG A 564 11.70 -22.28 -8.70
C ARG A 564 10.49 -22.13 -9.64
N VAL A 565 9.34 -22.71 -9.27
CA VAL A 565 8.09 -22.67 -10.09
C VAL A 565 7.44 -21.31 -9.82
N GLY A 566 7.88 -20.28 -10.56
CA GLY A 566 7.35 -18.91 -10.48
C GLY A 566 7.80 -18.22 -9.20
N GLY A 567 8.70 -18.87 -8.47
CA GLY A 567 9.27 -18.32 -7.24
C GLY A 567 9.54 -19.43 -6.25
N ASN A 568 9.81 -19.05 -5.00
CA ASN A 568 10.03 -20.00 -3.90
C ASN A 568 8.63 -20.30 -3.33
N LYS A 569 8.25 -21.57 -3.31
CA LYS A 569 6.91 -22.06 -2.95
C LYS A 569 6.97 -22.73 -1.58
N LYS A 570 7.92 -22.34 -0.73
CA LYS A 570 8.00 -22.92 0.64
C LYS A 570 7.09 -22.17 1.60
N GLY A 571 6.26 -21.26 1.12
CA GLY A 571 5.31 -20.56 2.00
C GLY A 571 4.32 -21.49 2.71
N ILE A 572 3.99 -21.12 3.94
CA ILE A 572 2.79 -21.56 4.69
C ILE A 572 1.55 -20.88 4.11
N PHE A 573 1.72 -19.64 3.67
CA PHE A 573 0.67 -18.86 2.99
C PHE A 573 1.14 -18.62 1.57
N THR A 574 0.24 -18.39 0.62
CA THR A 574 0.60 -17.98 -0.76
C THR A 574 1.02 -16.51 -0.68
N ARG A 575 1.57 -15.97 -1.77
CA ARG A 575 2.01 -14.55 -1.81
C ARG A 575 0.80 -13.62 -1.60
N ASP A 576 -0.39 -14.04 -1.97
CA ASP A 576 -1.64 -13.27 -1.68
C ASP A 576 -2.18 -13.61 -0.27
N ARG A 577 -1.41 -14.33 0.54
CA ARG A 577 -1.66 -14.54 2.02
C ARG A 577 -2.84 -15.50 2.24
N LYS A 578 -3.08 -16.39 1.31
CA LYS A 578 -4.07 -17.48 1.51
C LYS A 578 -3.39 -18.67 2.17
N PRO A 579 -4.06 -19.37 3.11
CA PRO A 579 -3.43 -20.49 3.81
C PRO A 579 -3.38 -21.78 3.00
N LYS A 580 -2.24 -22.47 3.06
CA LYS A 580 -2.09 -23.89 2.64
C LYS A 580 -2.55 -24.73 3.83
N SER A 581 -2.87 -26.01 3.61
CA SER A 581 -3.29 -26.95 4.70
C SER A 581 -2.34 -26.86 5.90
N ALA A 582 -1.03 -26.79 5.66
CA ALA A 582 0.01 -26.73 6.71
C ALA A 582 -0.24 -25.55 7.65
N ALA A 583 -0.94 -24.50 7.19
CA ALA A 583 -1.22 -23.33 8.06
C ALA A 583 -2.01 -23.81 9.28
N PHE A 584 -2.98 -24.70 9.10
CA PHE A 584 -3.88 -25.20 10.18
C PHE A 584 -3.11 -26.19 11.04
N LEU A 585 -2.15 -26.93 10.47
CA LEU A 585 -1.25 -27.85 11.25
C LEU A 585 -0.38 -27.03 12.21
N LEU A 586 0.21 -25.94 11.74
CA LEU A 586 1.05 -25.10 12.65
C LEU A 586 0.17 -24.47 13.74
N GLN A 587 -1.02 -24.01 13.37
CA GLN A 587 -1.92 -23.33 14.31
C GLN A 587 -2.24 -24.28 15.46
N LYS A 588 -2.62 -25.53 15.17
CA LYS A 588 -2.90 -26.53 16.23
C LYS A 588 -1.69 -26.66 17.18
N ARG A 589 -0.49 -26.91 16.64
CA ARG A 589 0.72 -27.17 17.46
C ARG A 589 1.08 -25.92 18.27
N TRP A 590 1.09 -24.75 17.64
CA TRP A 590 1.62 -23.53 18.28
C TRP A 590 0.59 -22.95 19.25
N THR A 591 -0.71 -23.06 18.97
CA THR A 591 -1.73 -22.56 19.92
C THR A 591 -1.99 -23.60 21.00
N GLY A 592 -1.70 -24.89 20.73
CA GLY A 592 -1.89 -25.98 21.69
C GLY A 592 -0.80 -26.04 22.76
N MET A 593 0.41 -25.61 22.45
CA MET A 593 1.49 -25.60 23.47
C MET A 593 1.22 -24.49 24.50
N ASN A 594 1.89 -24.55 25.66
CA ASN A 594 1.94 -23.41 26.62
C ASN A 594 2.84 -22.32 26.06
N PHE A 595 2.41 -21.07 26.18
CA PHE A 595 3.13 -19.91 25.61
C PHE A 595 4.61 -20.03 25.99
N GLY A 596 5.51 -19.96 25.01
CA GLY A 596 6.96 -19.88 25.23
C GLY A 596 7.59 -21.12 25.86
N GLU A 597 6.94 -22.29 25.84
CA GLU A 597 7.51 -23.49 26.51
C GLU A 597 7.67 -24.64 25.52
N LYS A 598 8.86 -25.24 25.47
CA LYS A 598 9.19 -26.41 24.63
C LYS A 598 8.08 -27.46 24.75
N PRO A 599 7.41 -27.88 23.66
CA PRO A 599 6.37 -28.92 23.73
C PRO A 599 6.90 -30.29 24.19
N GLN A 600 6.00 -31.27 24.38
CA GLN A 600 6.31 -32.60 24.97
C GLN A 600 5.55 -33.74 24.27
N GLN A 601 6.29 -34.61 23.57
CA GLN A 601 5.87 -35.95 23.08
C GLN A 601 4.33 -36.06 23.04
N SER B 1 -20.21 22.44 0.66
CA SER B 1 -20.56 22.27 -0.78
C SER B 1 -19.39 22.68 -1.67
N HIS B 2 -18.59 23.66 -1.23
CA HIS B 2 -17.32 24.08 -1.88
C HIS B 2 -16.25 23.03 -1.62
N MET B 3 -15.67 22.45 -2.69
CA MET B 3 -14.71 21.31 -2.60
C MET B 3 -13.56 21.56 -3.57
N LEU B 4 -12.44 22.09 -3.06
CA LEU B 4 -11.18 22.23 -3.83
C LEU B 4 -10.16 21.22 -3.27
N ARG B 5 -9.63 20.38 -4.17
CA ARG B 5 -8.48 19.44 -3.97
C ARG B 5 -7.36 20.18 -3.24
N PRO B 6 -7.05 19.89 -1.95
CA PRO B 6 -5.96 20.55 -1.24
C PRO B 6 -4.65 20.29 -1.98
N VAL B 7 -3.87 21.36 -2.22
CA VAL B 7 -2.56 21.31 -2.91
C VAL B 7 -1.66 22.30 -2.20
N GLU B 8 -0.35 22.03 -2.17
CA GLU B 8 0.63 22.86 -1.43
C GLU B 8 1.07 24.01 -2.35
N THR B 9 1.13 25.19 -1.76
CA THR B 9 1.41 26.51 -2.39
C THR B 9 2.23 27.34 -1.41
N PRO B 10 2.74 28.53 -1.82
CA PRO B 10 3.41 29.41 -0.86
C PRO B 10 2.55 29.81 0.36
N THR B 11 1.22 29.67 0.27
CA THR B 11 0.21 30.10 1.30
C THR B 11 -0.61 28.91 1.86
N ARG B 12 -0.37 27.68 1.38
CA ARG B 12 -1.12 26.46 1.81
C ARG B 12 -0.17 25.28 2.07
N GLU B 13 -0.11 24.84 3.33
CA GLU B 13 0.62 23.62 3.76
C GLU B 13 -0.37 22.45 3.95
N ILE B 14 0.14 21.21 4.01
CA ILE B 14 -0.63 19.94 4.26
C ILE B 14 0.21 19.00 5.13
N LYS B 15 -0.44 18.40 6.13
CA LYS B 15 0.04 17.25 6.91
C LYS B 15 -0.92 16.06 6.72
N LYS B 16 -0.45 14.99 6.06
CA LYS B 16 -1.17 13.69 5.95
C LYS B 16 -1.37 13.15 7.37
N LEU B 17 -2.50 12.47 7.63
CA LEU B 17 -2.73 11.75 8.92
C LEU B 17 -2.69 10.23 8.68
N ASP B 18 -2.44 9.80 7.43
CA ASP B 18 -2.37 8.36 7.04
C ASP B 18 -1.33 7.65 7.93
N GLY B 19 -1.55 6.35 8.17
CA GLY B 19 -0.68 5.46 8.94
C GLY B 19 -1.49 4.55 9.83
N LEU B 20 -0.90 4.13 10.94
CA LEU B 20 -1.57 3.29 11.95
C LEU B 20 -2.43 4.15 12.87
N TRP B 21 -3.71 3.83 12.96
CA TRP B 21 -4.62 4.40 14.00
C TRP B 21 -5.01 3.32 15.02
N ALA B 22 -5.52 3.71 16.19
CA ALA B 22 -6.24 2.80 17.12
C ALA B 22 -7.62 2.50 16.54
N PHE B 23 -8.10 1.27 16.73
CA PHE B 23 -9.34 0.73 16.13
C PHE B 23 -10.02 -0.21 17.12
N SER B 24 -11.35 -0.11 17.16
CA SER B 24 -12.26 -0.87 18.04
C SER B 24 -13.59 -1.08 17.32
N LEU B 25 -14.17 -2.25 17.50
CA LEU B 25 -15.59 -2.50 17.18
C LEU B 25 -16.43 -1.95 18.35
N ASP B 26 -17.72 -1.76 18.13
CA ASP B 26 -18.69 -1.32 19.17
C ASP B 26 -19.92 -2.24 19.08
N ARG B 27 -19.73 -3.53 19.39
CA ARG B 27 -20.79 -4.56 19.31
C ARG B 27 -21.99 -4.13 20.17
N GLU B 28 -21.73 -3.48 21.31
CA GLU B 28 -22.75 -3.14 22.34
C GLU B 28 -23.38 -1.78 22.03
N ASN B 29 -23.03 -1.17 20.90
CA ASN B 29 -23.54 0.15 20.45
C ASN B 29 -23.66 1.13 21.63
N CYS B 30 -22.62 1.25 22.45
CA CYS B 30 -22.61 2.05 23.71
C CYS B 30 -21.51 3.12 23.65
N GLY B 31 -20.92 3.32 22.48
CA GLY B 31 -19.74 4.17 22.30
C GLY B 31 -20.12 5.62 22.50
N ILE B 32 -21.24 6.03 21.91
CA ILE B 32 -21.75 7.44 21.95
C ILE B 32 -22.25 7.74 23.36
N ASP B 33 -22.97 6.81 23.99
CA ASP B 33 -23.47 6.96 25.39
C ASP B 33 -22.29 7.07 26.36
N GLN B 34 -21.19 6.35 26.11
CA GLN B 34 -19.96 6.41 26.95
C GLN B 34 -18.96 7.43 26.36
N ARG B 35 -19.35 8.11 25.27
CA ARG B 35 -18.59 9.26 24.71
C ARG B 35 -17.11 8.86 24.61
N TRP B 36 -16.84 7.86 23.76
CA TRP B 36 -15.53 7.16 23.66
C TRP B 36 -14.44 8.15 23.23
N TRP B 37 -14.80 9.20 22.49
CA TRP B 37 -13.87 10.25 21.99
C TRP B 37 -13.21 11.04 23.14
N GLU B 38 -13.65 10.87 24.39
CA GLU B 38 -13.11 11.63 25.55
C GLU B 38 -11.85 10.95 26.10
N SER B 39 -11.69 9.64 25.91
CA SER B 39 -10.50 8.87 26.36
C SER B 39 -9.86 8.13 25.18
N ALA B 40 -8.67 7.52 25.35
CA ALA B 40 -8.13 6.53 24.39
C ALA B 40 -9.16 5.42 24.25
N LEU B 41 -9.44 4.96 23.02
CA LEU B 41 -10.26 3.74 22.75
C LEU B 41 -9.79 2.59 23.62
N GLN B 42 -10.69 1.90 24.34
CA GLN B 42 -10.35 0.73 25.19
C GLN B 42 -10.24 -0.53 24.31
N GLU B 43 -9.36 -1.47 24.70
CA GLU B 43 -9.22 -2.78 24.00
C GLU B 43 -9.23 -2.52 22.48
N SER B 44 -8.36 -1.63 22.02
CA SER B 44 -8.15 -1.29 20.59
C SER B 44 -7.02 -2.14 20.00
N ARG B 45 -6.77 -1.99 18.71
CA ARG B 45 -5.63 -2.59 17.99
C ARG B 45 -5.30 -1.64 16.86
N ALA B 46 -4.12 -1.78 16.30
CA ALA B 46 -3.67 -0.99 15.15
C ALA B 46 -4.43 -1.40 13.89
N ILE B 47 -4.82 -0.39 13.11
CA ILE B 47 -5.40 -0.51 11.76
C ILE B 47 -4.66 0.47 10.86
N ALA B 48 -4.55 0.16 9.58
CA ALA B 48 -3.98 1.02 8.54
C ALA B 48 -5.08 1.91 7.98
N VAL B 49 -4.76 3.21 7.90
CA VAL B 49 -5.53 4.28 7.18
C VAL B 49 -4.58 4.87 6.14
N PRO B 50 -4.88 4.81 4.85
CA PRO B 50 -6.16 4.31 4.34
C PRO B 50 -6.30 2.81 4.04
N GLY B 51 -7.56 2.33 4.02
CA GLY B 51 -7.95 0.95 3.67
C GLY B 51 -9.27 0.56 4.31
N SER B 52 -9.98 -0.44 3.76
CA SER B 52 -11.18 -1.00 4.40
C SER B 52 -10.74 -1.62 5.73
N PHE B 53 -11.53 -1.59 6.81
CA PHE B 53 -11.19 -2.37 8.05
C PHE B 53 -11.40 -3.89 7.85
N ASN B 54 -12.18 -4.29 6.84
CA ASN B 54 -12.80 -5.65 6.76
C ASN B 54 -11.77 -6.80 6.63
N ASP B 55 -10.80 -6.69 5.71
CA ASP B 55 -9.82 -7.76 5.37
C ASP B 55 -8.46 -7.55 6.03
N GLN B 56 -8.28 -6.54 6.89
CA GLN B 56 -6.93 -6.23 7.43
C GLN B 56 -6.53 -7.30 8.44
N PHE B 57 -7.52 -7.99 9.05
CA PHE B 57 -7.31 -8.85 10.25
C PHE B 57 -7.52 -10.35 9.97
N ALA B 58 -7.82 -10.78 8.74
CA ALA B 58 -8.11 -12.19 8.39
C ALA B 58 -9.07 -12.78 9.43
N ASP B 59 -10.15 -12.08 9.74
CA ASP B 59 -11.14 -12.46 10.78
C ASP B 59 -12.53 -12.23 10.19
N ALA B 60 -13.29 -13.30 10.00
CA ALA B 60 -14.64 -13.30 9.40
C ALA B 60 -15.60 -12.40 10.20
N ASP B 61 -15.50 -12.44 11.54
CA ASP B 61 -16.34 -11.71 12.51
C ASP B 61 -16.17 -10.19 12.32
N ILE B 62 -14.96 -9.73 12.01
CA ILE B 62 -14.71 -8.31 11.63
C ILE B 62 -15.17 -8.12 10.18
N ARG B 63 -14.81 -9.00 9.27
CA ARG B 63 -15.14 -8.81 7.83
C ARG B 63 -16.63 -8.54 7.66
N ASN B 64 -17.46 -9.25 8.43
CA ASN B 64 -18.93 -9.32 8.22
C ASN B 64 -19.65 -8.38 9.18
N TYR B 65 -18.91 -7.59 9.98
CA TYR B 65 -19.45 -6.79 11.12
C TYR B 65 -20.40 -5.70 10.59
N ALA B 66 -21.52 -5.48 11.27
CA ALA B 66 -22.50 -4.45 10.87
C ALA B 66 -22.68 -3.48 12.04
N GLY B 67 -22.47 -2.18 11.79
CA GLY B 67 -22.68 -1.20 12.87
C GLY B 67 -21.64 -0.11 12.87
N ASN B 68 -21.25 0.32 14.06
CA ASN B 68 -20.23 1.38 14.21
C ASN B 68 -18.90 0.75 14.60
N VAL B 69 -17.83 1.36 14.06
CA VAL B 69 -16.40 1.11 14.41
C VAL B 69 -15.77 2.47 14.71
N TRP B 70 -14.76 2.44 15.57
CA TRP B 70 -14.07 3.62 16.13
C TRP B 70 -12.62 3.60 15.70
N TYR B 71 -12.18 4.66 15.02
CA TYR B 71 -10.78 5.00 14.71
C TYR B 71 -10.34 6.17 15.60
N GLN B 72 -9.10 6.13 16.09
CA GLN B 72 -8.54 7.20 16.95
C GLN B 72 -7.04 7.32 16.73
N ARG B 73 -6.50 8.54 16.73
CA ARG B 73 -5.01 8.79 16.80
C ARG B 73 -4.75 10.18 17.38
N GLU B 74 -3.56 10.40 17.94
CA GLU B 74 -3.05 11.74 18.34
C GLU B 74 -2.24 12.29 17.15
N VAL B 75 -2.17 13.63 17.02
CA VAL B 75 -1.33 14.36 16.02
C VAL B 75 -0.91 15.76 16.52
N PHE B 76 0.37 16.11 16.37
CA PHE B 76 0.91 17.48 16.60
C PHE B 76 0.53 18.41 15.43
N ILE B 77 -0.11 19.55 15.76
CA ILE B 77 -0.34 20.61 14.74
C ILE B 77 0.97 21.38 14.64
N PRO B 78 1.49 21.57 13.41
CA PRO B 78 2.74 22.29 13.20
C PRO B 78 2.74 23.67 13.89
N LYS B 79 3.90 24.05 14.46
CA LYS B 79 4.10 25.33 15.20
C LYS B 79 3.84 26.54 14.28
N GLY B 80 4.23 26.47 13.01
CA GLY B 80 4.14 27.60 12.06
C GLY B 80 2.74 27.84 11.52
N TRP B 81 1.72 27.32 12.18
CA TRP B 81 0.32 27.30 11.67
C TRP B 81 -0.54 28.30 12.46
N ALA B 82 -0.12 28.64 13.69
CA ALA B 82 -0.63 29.74 14.54
C ALA B 82 -0.97 30.96 13.66
N GLY B 83 -2.22 31.43 13.74
CA GLY B 83 -2.78 32.56 12.96
C GLY B 83 -2.93 32.23 11.48
N GLN B 84 -3.32 30.98 11.15
CA GLN B 84 -3.80 30.62 9.80
C GLN B 84 -5.06 29.75 9.95
N ARG B 85 -5.78 29.57 8.85
CA ARG B 85 -7.02 28.73 8.83
C ARG B 85 -6.59 27.27 8.79
N ILE B 86 -6.89 26.51 9.86
CA ILE B 86 -6.59 25.04 9.98
C ILE B 86 -7.87 24.24 9.65
N VAL B 87 -7.86 23.52 8.52
CA VAL B 87 -8.95 22.58 8.10
C VAL B 87 -8.56 21.13 8.45
N LEU B 88 -9.54 20.30 8.82
CA LEU B 88 -9.40 18.81 8.88
C LEU B 88 -10.27 18.18 7.78
N ARG B 89 -9.65 17.41 6.88
CA ARG B 89 -10.32 16.83 5.69
C ARG B 89 -10.12 15.32 5.58
N PHE B 90 -11.24 14.61 5.47
CA PHE B 90 -11.34 13.17 5.09
C PHE B 90 -11.73 13.09 3.63
N ASP B 91 -10.89 12.48 2.80
CA ASP B 91 -11.12 12.29 1.35
C ASP B 91 -12.29 11.29 1.14
N ALA B 92 -12.55 10.43 2.12
CA ALA B 92 -13.70 9.47 2.10
C ALA B 92 -13.76 8.68 3.39
N VAL B 93 -14.98 8.52 3.91
CA VAL B 93 -15.30 7.56 5.00
C VAL B 93 -16.57 6.84 4.59
N THR B 94 -16.48 5.51 4.52
CA THR B 94 -17.55 4.58 4.06
C THR B 94 -18.21 3.97 5.30
N HIS B 95 -19.50 4.25 5.52
CA HIS B 95 -20.35 5.05 4.67
C HIS B 95 -20.69 6.37 5.36
N TYR B 96 -20.59 6.38 6.69
CA TYR B 96 -20.87 7.56 7.54
C TYR B 96 -19.71 7.78 8.52
N GLY B 97 -19.21 9.01 8.61
CA GLY B 97 -18.28 9.45 9.67
C GLY B 97 -18.84 10.59 10.51
N LYS B 98 -18.54 10.57 11.81
CA LYS B 98 -18.68 11.69 12.78
C LYS B 98 -17.34 11.82 13.53
N VAL B 99 -16.83 13.04 13.66
CA VAL B 99 -15.41 13.34 14.00
C VAL B 99 -15.38 14.31 15.18
N TRP B 100 -14.61 13.95 16.22
CA TRP B 100 -14.34 14.81 17.39
C TRP B 100 -12.86 15.21 17.34
N VAL B 101 -12.57 16.45 17.72
CA VAL B 101 -11.19 16.94 18.03
C VAL B 101 -11.16 17.14 19.54
N ASN B 102 -10.34 16.36 20.23
CA ASN B 102 -10.31 16.29 21.71
C ASN B 102 -11.73 15.96 22.19
N ASN B 103 -12.49 16.91 22.70
CA ASN B 103 -13.86 16.63 23.18
C ASN B 103 -14.89 17.32 22.31
N GLN B 104 -14.47 17.96 21.22
CA GLN B 104 -15.37 18.82 20.41
C GLN B 104 -15.74 18.14 19.10
N GLU B 105 -17.06 17.92 18.89
CA GLU B 105 -17.63 17.42 17.60
C GLU B 105 -17.44 18.49 16.52
N VAL B 106 -16.97 18.12 15.32
CA VAL B 106 -16.54 19.07 14.24
C VAL B 106 -17.18 18.73 12.89
N MET B 107 -17.67 17.52 12.66
CA MET B 107 -18.37 17.23 11.38
C MET B 107 -19.04 15.86 11.38
N GLU B 108 -19.85 15.66 10.34
CA GLU B 108 -20.72 14.50 10.06
C GLU B 108 -20.76 14.40 8.54
N HIS B 109 -20.90 13.19 8.02
CA HIS B 109 -21.09 12.98 6.56
C HIS B 109 -21.74 11.61 6.32
N GLN B 110 -22.59 11.58 5.30
CA GLN B 110 -23.23 10.39 4.68
C GLN B 110 -22.91 10.47 3.21
N GLY B 111 -22.44 9.36 2.65
CA GLY B 111 -21.77 9.27 1.33
C GLY B 111 -20.40 8.68 1.54
N GLY B 112 -20.19 7.44 1.07
CA GLY B 112 -18.99 6.64 1.31
C GLY B 112 -17.79 7.12 0.50
N TYR B 113 -17.98 7.96 -0.53
CA TYR B 113 -17.06 8.08 -1.68
C TYR B 113 -16.65 9.53 -2.03
N THR B 114 -16.93 10.54 -1.19
CA THR B 114 -16.58 11.97 -1.51
C THR B 114 -16.08 12.68 -0.26
N PRO B 115 -15.28 13.76 -0.41
CA PRO B 115 -14.70 14.40 0.76
C PRO B 115 -15.65 15.24 1.64
N PHE B 116 -15.14 15.52 2.85
CA PHE B 116 -15.83 16.35 3.87
C PHE B 116 -14.77 16.88 4.84
N GLU B 117 -14.94 18.15 5.20
CA GLU B 117 -13.94 18.95 5.96
C GLU B 117 -14.68 19.97 6.83
N ALA B 118 -14.05 20.34 7.96
CA ALA B 118 -14.46 21.45 8.86
C ALA B 118 -13.23 22.31 9.16
N ASP B 119 -13.44 23.61 9.37
CA ASP B 119 -12.44 24.54 9.96
C ASP B 119 -12.29 24.21 11.44
N VAL B 120 -11.11 23.77 11.89
CA VAL B 120 -10.91 23.28 13.30
C VAL B 120 -9.98 24.24 14.06
N THR B 121 -9.68 25.42 13.47
CA THR B 121 -8.79 26.45 14.07
C THR B 121 -9.15 26.68 15.54
N PRO B 122 -10.44 26.86 15.90
CA PRO B 122 -10.80 27.16 17.28
C PRO B 122 -10.56 26.07 18.34
N TYR B 123 -10.39 24.79 17.96
CA TYR B 123 -10.31 23.66 18.92
C TYR B 123 -8.91 23.05 18.95
N VAL B 124 -7.96 23.65 18.23
CA VAL B 124 -6.54 23.18 18.15
C VAL B 124 -5.58 24.32 18.52
N ILE B 125 -4.39 23.97 19.01
CA ILE B 125 -3.29 24.90 19.41
C ILE B 125 -1.99 24.44 18.72
N ALA B 126 -1.54 25.18 17.69
CA ALA B 126 -0.30 24.90 16.91
C ALA B 126 0.84 24.56 17.88
N GLY B 127 1.54 23.45 17.67
CA GLY B 127 2.62 22.97 18.58
C GLY B 127 2.11 22.09 19.71
N LYS B 128 0.80 21.80 19.74
CA LYS B 128 0.19 20.87 20.75
C LYS B 128 -0.34 19.61 20.07
N SER B 129 -0.38 18.51 20.80
CA SER B 129 -0.97 17.24 20.32
C SER B 129 -2.48 17.23 20.64
N VAL B 130 -3.31 16.96 19.63
CA VAL B 130 -4.78 16.81 19.76
C VAL B 130 -5.21 15.40 19.32
N ARG B 131 -6.24 14.86 19.97
CA ARG B 131 -6.78 13.50 19.73
C ARG B 131 -7.94 13.55 18.71
N ILE B 132 -7.80 12.86 17.58
CA ILE B 132 -8.85 12.73 16.53
C ILE B 132 -9.57 11.38 16.69
N THR B 133 -10.85 11.41 17.09
CA THR B 133 -11.73 10.22 17.17
C THR B 133 -12.70 10.29 15.99
N VAL B 134 -13.02 9.14 15.39
CA VAL B 134 -13.97 9.01 14.25
C VAL B 134 -14.83 7.75 14.50
N CYS B 135 -16.15 7.94 14.57
CA CYS B 135 -17.15 6.85 14.63
C CYS B 135 -17.58 6.62 13.18
N VAL B 136 -17.32 5.43 12.63
CA VAL B 136 -17.60 5.11 11.20
C VAL B 136 -18.69 4.04 11.17
N ASN B 137 -19.76 4.29 10.42
CA ASN B 137 -20.94 3.39 10.37
C ASN B 137 -21.03 2.85 8.95
N ASN B 138 -21.30 1.55 8.80
CA ASN B 138 -21.32 0.87 7.47
C ASN B 138 -22.73 0.42 7.08
N GLU B 139 -23.76 0.88 7.79
CA GLU B 139 -25.15 0.40 7.56
C GLU B 139 -25.78 1.12 6.38
N LEU B 140 -26.56 0.36 5.60
CA LEU B 140 -27.31 0.85 4.41
C LEU B 140 -28.80 0.59 4.62
N ASN B 141 -29.64 1.58 4.30
CA ASN B 141 -31.11 1.52 4.46
C ASN B 141 -31.72 2.01 3.14
N TRP B 142 -33.02 2.28 3.07
CA TRP B 142 -33.57 2.67 1.75
C TRP B 142 -33.24 4.13 1.41
N GLN B 143 -32.69 4.90 2.37
CA GLN B 143 -32.32 6.31 2.11
C GLN B 143 -30.84 6.47 1.74
N THR B 144 -29.99 5.48 2.02
CA THR B 144 -28.52 5.58 1.71
C THR B 144 -28.31 5.34 0.22
N ILE B 145 -27.26 5.96 -0.32
CA ILE B 145 -26.76 5.74 -1.72
C ILE B 145 -25.42 5.01 -1.61
N PRO B 146 -25.35 3.66 -1.83
CA PRO B 146 -26.48 2.87 -2.33
C PRO B 146 -27.36 2.28 -1.24
N PRO B 147 -28.57 1.78 -1.60
CA PRO B 147 -29.48 1.20 -0.63
C PRO B 147 -29.16 -0.23 -0.16
N GLY B 148 -29.73 -0.61 0.98
CA GLY B 148 -29.82 -1.99 1.48
C GLY B 148 -30.79 -2.07 2.64
N MET B 149 -30.80 -3.18 3.36
CA MET B 149 -31.71 -3.41 4.53
C MET B 149 -30.90 -4.07 5.64
N VAL B 150 -31.02 -3.58 6.86
CA VAL B 150 -30.39 -4.17 8.08
C VAL B 150 -31.45 -5.02 8.79
N ILE B 151 -31.07 -6.26 9.16
CA ILE B 151 -31.85 -7.22 9.99
C ILE B 151 -31.14 -7.35 11.33
N THR B 152 -31.78 -7.01 12.45
CA THR B 152 -31.24 -7.30 13.80
C THR B 152 -31.76 -8.68 14.21
N ASP B 153 -30.87 -9.68 14.28
CA ASP B 153 -31.21 -11.09 14.67
C ASP B 153 -31.50 -11.12 16.18
N GLU B 154 -31.79 -12.32 16.70
CA GLU B 154 -32.43 -12.57 18.02
C GLU B 154 -31.61 -11.97 19.18
N ASN B 155 -30.38 -11.49 18.94
CA ASN B 155 -29.42 -11.07 20.00
C ASN B 155 -28.88 -9.64 19.77
N GLY B 156 -29.53 -8.83 18.92
CA GLY B 156 -29.15 -7.42 18.71
C GLY B 156 -27.98 -7.27 17.73
N LYS B 157 -27.41 -8.40 17.30
CA LYS B 157 -26.31 -8.44 16.30
C LYS B 157 -26.92 -8.17 14.92
N LYS B 158 -26.49 -7.09 14.28
CA LYS B 158 -27.04 -6.63 12.97
C LYS B 158 -26.48 -7.55 11.87
N LYS B 159 -27.21 -7.69 10.77
CA LYS B 159 -26.77 -8.45 9.56
C LYS B 159 -27.23 -7.65 8.34
N GLN B 160 -26.29 -7.17 7.54
CA GLN B 160 -26.54 -6.23 6.42
C GLN B 160 -26.88 -7.01 5.15
N SER B 161 -27.92 -6.58 4.46
CA SER B 161 -28.32 -7.11 3.13
C SER B 161 -28.30 -5.93 2.16
N TYR B 162 -27.84 -6.15 0.93
CA TYR B 162 -27.72 -5.07 -0.08
C TYR B 162 -27.90 -5.67 -1.46
N PHE B 163 -28.14 -4.83 -2.47
CA PHE B 163 -28.71 -5.28 -3.77
C PHE B 163 -27.68 -5.11 -4.88
N HIS B 164 -26.44 -4.79 -4.53
CA HIS B 164 -25.35 -4.64 -5.53
C HIS B 164 -24.38 -5.82 -5.40
N ASP B 165 -23.80 -6.17 -6.53
CA ASP B 165 -22.87 -7.29 -6.76
C ASP B 165 -21.42 -6.85 -6.51
N PHE B 166 -21.13 -6.23 -5.37
CA PHE B 166 -19.73 -5.95 -4.92
C PHE B 166 -19.78 -5.88 -3.41
N PHE B 167 -18.73 -6.35 -2.76
CA PHE B 167 -18.74 -6.53 -1.29
C PHE B 167 -18.81 -5.16 -0.60
N ASN B 168 -19.58 -5.11 0.49
CA ASN B 168 -19.84 -3.89 1.29
C ASN B 168 -18.63 -3.49 2.14
N TYR B 169 -17.49 -3.20 1.52
CA TYR B 169 -16.27 -2.72 2.22
C TYR B 169 -16.56 -1.36 2.84
N ALA B 170 -16.01 -1.11 4.02
CA ALA B 170 -16.18 0.15 4.79
C ALA B 170 -14.90 0.50 5.52
N GLY B 171 -14.88 1.66 6.18
CA GLY B 171 -13.71 2.22 6.89
C GLY B 171 -13.23 3.49 6.21
N ILE B 172 -12.08 4.03 6.64
CA ILE B 172 -11.50 5.29 6.07
C ILE B 172 -10.64 4.86 4.88
N HIS B 173 -11.24 4.88 3.69
CA HIS B 173 -10.70 4.28 2.44
C HIS B 173 -9.68 5.19 1.78
N ARG B 174 -9.59 6.45 2.23
CA ARG B 174 -8.77 7.46 1.52
C ARG B 174 -8.13 8.38 2.56
N SER B 175 -7.23 9.24 2.08
CA SER B 175 -6.35 10.12 2.89
C SER B 175 -7.14 10.98 3.88
N VAL B 176 -6.68 10.99 5.13
CA VAL B 176 -7.04 11.97 6.18
C VAL B 176 -5.90 12.99 6.24
N MET B 177 -6.20 14.24 6.56
CA MET B 177 -5.20 15.33 6.56
C MET B 177 -5.75 16.62 7.20
N LEU B 178 -4.89 17.30 7.94
CA LEU B 178 -4.99 18.74 8.28
C LEU B 178 -4.39 19.54 7.11
N TYR B 179 -4.94 20.71 6.79
CA TYR B 179 -4.30 21.66 5.85
C TYR B 179 -4.62 23.10 6.28
N THR B 180 -3.80 24.05 5.81
CA THR B 180 -3.90 25.49 6.17
C THR B 180 -4.33 26.31 4.96
N THR B 181 -5.08 27.38 5.23
CA THR B 181 -5.21 28.56 4.34
C THR B 181 -4.93 29.82 5.16
N PRO B 182 -4.67 30.96 4.50
CA PRO B 182 -4.69 32.25 5.19
C PRO B 182 -6.16 32.52 5.57
N ASN B 183 -6.42 33.42 6.53
CA ASN B 183 -7.80 33.78 6.96
C ASN B 183 -8.52 34.44 5.78
N THR B 184 -7.76 34.91 4.79
CA THR B 184 -8.22 35.20 3.39
C THR B 184 -7.86 33.98 2.54
N TRP B 185 -8.79 33.41 1.77
CA TRP B 185 -8.54 32.17 0.98
C TRP B 185 -9.48 32.08 -0.22
N VAL B 186 -9.00 31.43 -1.30
CA VAL B 186 -9.85 30.92 -2.40
C VAL B 186 -10.63 29.72 -1.84
N ASP B 187 -11.95 29.68 -2.07
CA ASP B 187 -12.87 28.70 -1.43
C ASP B 187 -13.57 27.88 -2.50
N ASP B 188 -13.46 28.25 -3.78
CA ASP B 188 -14.16 27.54 -4.87
C ASP B 188 -13.77 28.14 -6.22
N ILE B 189 -13.78 27.29 -7.25
CA ILE B 189 -13.51 27.63 -8.68
C ILE B 189 -14.41 26.74 -9.52
N THR B 190 -14.94 27.29 -10.61
CA THR B 190 -15.49 26.53 -11.77
C THR B 190 -14.79 27.06 -13.01
N VAL B 191 -14.63 26.25 -14.04
CA VAL B 191 -13.88 26.63 -15.27
C VAL B 191 -14.54 25.92 -16.43
N VAL B 192 -15.00 26.66 -17.44
CA VAL B 192 -15.61 26.10 -18.67
C VAL B 192 -14.66 26.38 -19.81
N THR B 193 -14.64 25.52 -20.82
CA THR B 193 -13.49 25.43 -21.75
C THR B 193 -14.03 25.24 -23.18
N HIS B 194 -14.55 26.34 -23.77
CA HIS B 194 -15.12 26.37 -25.15
C HIS B 194 -13.98 26.31 -26.15
N VAL B 195 -14.24 25.67 -27.30
CA VAL B 195 -13.24 25.35 -28.36
C VAL B 195 -13.96 25.54 -29.70
N ALA B 196 -13.57 26.58 -30.45
CA ALA B 196 -14.15 26.92 -31.78
C ALA B 196 -13.98 25.71 -32.71
N GLN B 197 -14.94 25.50 -33.61
CA GLN B 197 -15.01 24.33 -34.54
C GLN B 197 -13.66 24.15 -35.24
N ASP B 198 -13.04 25.25 -35.68
CA ASP B 198 -11.73 25.28 -36.38
C ASP B 198 -10.63 24.69 -35.48
N CYS B 199 -10.84 24.71 -34.15
CA CYS B 199 -9.94 24.19 -33.09
C CYS B 199 -8.76 25.15 -32.84
N ASN B 200 -8.47 26.05 -33.79
CA ASN B 200 -7.27 26.92 -33.77
C ASN B 200 -7.48 28.09 -32.78
N HIS B 201 -8.64 28.14 -32.08
CA HIS B 201 -8.92 29.13 -30.99
C HIS B 201 -9.77 28.46 -29.88
N ALA B 202 -9.71 29.01 -28.65
CA ALA B 202 -10.41 28.50 -27.44
C ALA B 202 -10.53 29.59 -26.37
N SER B 203 -11.58 29.49 -25.55
CA SER B 203 -11.95 30.48 -24.52
C SER B 203 -12.22 29.75 -23.21
N VAL B 204 -11.75 30.29 -22.08
CA VAL B 204 -11.87 29.60 -20.76
C VAL B 204 -12.57 30.54 -19.77
N ASP B 205 -13.82 30.21 -19.42
CA ASP B 205 -14.61 30.94 -18.40
C ASP B 205 -14.12 30.54 -17.01
N TRP B 206 -14.21 31.46 -16.07
CA TRP B 206 -13.77 31.23 -14.68
C TRP B 206 -14.70 31.98 -13.72
N GLN B 207 -15.21 31.27 -12.72
CA GLN B 207 -15.92 31.89 -11.58
C GLN B 207 -15.11 31.52 -10.34
N VAL B 208 -15.05 32.39 -9.33
CA VAL B 208 -14.24 32.16 -8.11
C VAL B 208 -15.05 32.64 -6.91
N VAL B 209 -14.98 31.91 -5.79
CA VAL B 209 -15.61 32.35 -4.50
C VAL B 209 -14.47 32.51 -3.48
N ALA B 210 -14.18 33.75 -3.10
CA ALA B 210 -12.99 34.13 -2.30
C ALA B 210 -13.34 35.34 -1.43
N ASN B 211 -12.97 35.36 -0.16
CA ASN B 211 -13.29 36.50 0.76
C ASN B 211 -12.17 37.55 0.63
N GLY B 212 -11.82 37.92 -0.61
CA GLY B 212 -10.73 38.85 -0.95
C GLY B 212 -10.71 39.13 -2.44
N ASP B 213 -9.81 40.04 -2.87
CA ASP B 213 -9.73 40.55 -4.27
C ASP B 213 -9.16 39.44 -5.17
N VAL B 214 -10.00 38.93 -6.07
CA VAL B 214 -9.63 37.83 -7.01
C VAL B 214 -8.88 38.39 -8.21
N SER B 215 -7.73 37.77 -8.52
CA SER B 215 -6.89 37.92 -9.74
C SER B 215 -6.49 36.53 -10.24
N VAL B 216 -6.60 36.27 -11.56
CA VAL B 216 -6.24 34.96 -12.18
C VAL B 216 -5.18 35.16 -13.27
N GLU B 217 -4.33 34.15 -13.45
CA GLU B 217 -3.33 34.01 -14.54
C GLU B 217 -3.39 32.58 -15.08
N LEU B 218 -3.35 32.39 -16.40
CA LEU B 218 -3.27 31.04 -17.03
C LEU B 218 -1.90 30.84 -17.68
N ARG B 219 -1.02 30.08 -17.01
CA ARG B 219 0.30 29.67 -17.56
C ARG B 219 0.14 28.38 -18.40
N ASP B 220 0.92 28.25 -19.48
CA ASP B 220 1.05 27.00 -20.28
C ASP B 220 2.05 26.06 -19.58
N ALA B 221 2.35 24.91 -20.19
CA ALA B 221 3.19 23.82 -19.61
C ALA B 221 4.57 24.36 -19.23
N ASP B 222 5.08 25.38 -19.95
CA ASP B 222 6.46 25.90 -19.76
C ASP B 222 6.45 27.11 -18.83
N GLN B 223 5.31 27.37 -18.15
CA GLN B 223 5.16 28.44 -17.13
C GLN B 223 5.19 29.83 -17.77
N GLN B 224 4.80 29.94 -19.05
CA GLN B 224 4.65 31.25 -19.76
C GLN B 224 3.20 31.73 -19.60
N VAL B 225 2.98 32.81 -18.83
CA VAL B 225 1.64 33.47 -18.66
C VAL B 225 1.06 33.69 -20.08
N VAL B 226 -0.24 33.39 -20.30
CA VAL B 226 -0.91 33.42 -21.65
C VAL B 226 -2.28 34.14 -21.58
N ALA B 227 -2.69 34.64 -20.41
CA ALA B 227 -3.90 35.47 -20.19
C ALA B 227 -3.94 35.92 -18.71
N THR B 228 -4.86 36.84 -18.37
CA THR B 228 -5.02 37.45 -17.02
C THR B 228 -6.43 38.03 -16.89
N GLY B 229 -6.91 38.28 -15.67
CA GLY B 229 -8.25 38.85 -15.39
C GLY B 229 -8.44 39.21 -13.92
N GLN B 230 -9.54 39.88 -13.58
CA GLN B 230 -9.78 40.38 -12.20
C GLN B 230 -11.08 39.82 -11.63
N SER B 233 -14.92 36.35 -11.71
CA SER B 233 -15.77 36.14 -12.92
C SER B 233 -15.06 36.70 -14.15
N GLY B 234 -15.13 36.04 -15.32
CA GLY B 234 -14.53 36.55 -16.58
C GLY B 234 -14.28 35.46 -17.61
N THR B 235 -13.74 35.85 -18.78
CA THR B 235 -13.29 34.95 -19.88
C THR B 235 -11.83 35.29 -20.23
N LEU B 236 -10.96 34.27 -20.34
CA LEU B 236 -9.60 34.36 -20.92
C LEU B 236 -9.66 33.85 -22.36
N GLN B 237 -8.95 34.52 -23.28
CA GLN B 237 -8.85 34.13 -24.70
C GLN B 237 -7.49 33.47 -24.95
N VAL B 238 -7.36 32.61 -25.97
CA VAL B 238 -6.14 31.75 -26.20
C VAL B 238 -5.96 31.46 -27.69
N VAL B 239 -4.92 32.08 -28.31
CA VAL B 239 -4.54 31.88 -29.74
C VAL B 239 -3.82 30.52 -29.86
N ASN B 240 -4.18 29.75 -30.89
CA ASN B 240 -3.61 28.41 -31.22
C ASN B 240 -3.42 27.62 -29.93
N PRO B 241 -4.53 27.25 -29.24
CA PRO B 241 -4.45 26.69 -27.89
C PRO B 241 -3.90 25.25 -27.94
N HIS B 242 -3.17 24.85 -26.91
CA HIS B 242 -2.72 23.45 -26.70
C HIS B 242 -3.91 22.63 -26.18
N LEU B 243 -4.64 21.97 -27.09
CA LEU B 243 -5.91 21.26 -26.79
C LEU B 243 -5.60 20.01 -25.94
N TRP B 244 -6.27 19.87 -24.79
CA TRP B 244 -6.30 18.60 -24.00
C TRP B 244 -6.92 17.51 -24.87
N GLN B 245 -6.09 16.55 -25.32
CA GLN B 245 -6.48 15.49 -26.29
C GLN B 245 -6.35 14.12 -25.65
N PRO B 246 -7.38 13.26 -25.78
CA PRO B 246 -7.29 11.85 -25.39
C PRO B 246 -5.98 11.19 -25.81
N GLY B 247 -5.27 10.61 -24.83
CA GLY B 247 -4.03 9.86 -25.07
C GLY B 247 -2.80 10.76 -25.03
N GLU B 248 -2.94 12.03 -24.61
CA GLU B 248 -1.84 13.02 -24.48
C GLU B 248 -2.08 13.86 -23.22
N GLY B 249 -3.19 14.61 -23.21
CA GLY B 249 -3.69 15.38 -22.05
C GLY B 249 -2.85 16.60 -21.72
N TYR B 250 -2.71 17.57 -22.63
CA TYR B 250 -1.97 18.82 -22.33
C TYR B 250 -2.71 19.57 -21.23
N LEU B 251 -1.99 20.07 -20.24
CA LEU B 251 -2.56 20.78 -19.06
C LEU B 251 -1.96 22.18 -18.94
N TYR B 252 -2.81 23.19 -18.78
CA TYR B 252 -2.45 24.56 -18.33
C TYR B 252 -2.66 24.66 -16.81
N GLU B 253 -2.22 25.75 -16.20
CA GLU B 253 -2.38 26.03 -14.74
C GLU B 253 -3.05 27.39 -14.55
N LEU B 254 -4.31 27.40 -14.07
CA LEU B 254 -4.99 28.64 -13.60
C LEU B 254 -4.58 28.92 -12.16
N CYS B 255 -3.61 29.82 -11.95
CA CYS B 255 -3.26 30.33 -10.60
C CYS B 255 -4.29 31.39 -10.21
N VAL B 256 -4.91 31.23 -9.04
CA VAL B 256 -6.07 32.03 -8.59
C VAL B 256 -5.69 32.68 -7.25
N THR B 257 -5.52 33.99 -7.26
CA THR B 257 -5.03 34.78 -6.11
C THR B 257 -6.23 35.45 -5.41
N ALA B 258 -6.18 35.53 -4.08
CA ALA B 258 -7.23 36.09 -3.21
C ALA B 258 -6.57 37.07 -2.25
N LYS B 259 -6.63 38.36 -2.61
CA LYS B 259 -5.83 39.45 -2.02
C LYS B 259 -6.72 40.21 -1.02
N SER B 260 -6.28 40.21 0.23
CA SER B 260 -6.61 41.22 1.27
C SER B 260 -5.42 42.20 1.32
N GLN B 261 -5.59 43.35 1.97
CA GLN B 261 -4.47 44.30 2.26
C GLN B 261 -3.50 43.62 3.24
N THR B 262 -4.01 42.71 4.06
CA THR B 262 -3.27 42.06 5.18
C THR B 262 -2.68 40.73 4.68
N GLU B 263 -3.48 39.85 4.05
CA GLU B 263 -3.10 38.45 3.70
C GLU B 263 -3.28 38.16 2.20
N CYS B 264 -2.50 37.23 1.66
CA CYS B 264 -2.61 36.74 0.25
C CYS B 264 -2.73 35.21 0.23
N ASP B 265 -3.44 34.67 -0.77
CA ASP B 265 -3.70 33.21 -0.99
C ASP B 265 -3.59 32.88 -2.49
N ILE B 266 -2.74 31.91 -2.84
CA ILE B 266 -2.55 31.36 -4.22
C ILE B 266 -3.09 29.93 -4.22
N TYR B 267 -3.80 29.54 -5.27
CA TYR B 267 -4.27 28.15 -5.52
C TYR B 267 -4.13 27.85 -7.02
N PRO B 268 -3.19 26.97 -7.42
CA PRO B 268 -3.10 26.51 -8.80
C PRO B 268 -4.12 25.41 -9.08
N LEU B 269 -4.75 25.46 -10.26
CA LEU B 269 -5.80 24.49 -10.68
C LEU B 269 -5.50 24.10 -12.12
N ARG B 270 -5.24 22.83 -12.33
CA ARG B 270 -4.87 22.31 -13.66
C ARG B 270 -6.12 22.39 -14.54
N VAL B 271 -5.93 22.66 -15.82
CA VAL B 271 -7.06 22.92 -16.77
C VAL B 271 -6.69 22.27 -18.10
N GLY B 272 -7.65 21.58 -18.68
CA GLY B 272 -7.53 20.97 -20.01
C GLY B 272 -8.47 21.66 -20.97
N ILE B 273 -7.90 22.26 -22.00
CA ILE B 273 -8.70 22.95 -23.05
C ILE B 273 -9.27 21.87 -23.98
N ARG B 274 -10.47 21.37 -23.64
CA ARG B 274 -11.27 20.46 -24.48
C ARG B 274 -12.75 20.83 -24.37
N SER B 275 -13.54 20.32 -25.30
CA SER B 275 -15.03 20.42 -25.35
C SER B 275 -15.56 19.02 -25.60
N VAL B 276 -16.77 18.73 -25.12
CA VAL B 276 -17.43 17.40 -25.34
C VAL B 276 -18.89 17.64 -25.70
N ALA B 277 -19.36 17.03 -26.81
CA ALA B 277 -20.79 17.04 -27.20
C ALA B 277 -21.13 15.79 -28.03
N VAL B 278 -22.37 15.33 -27.90
CA VAL B 278 -23.03 14.35 -28.80
C VAL B 278 -23.52 15.11 -30.04
N LYS B 279 -23.41 14.49 -31.22
CA LYS B 279 -23.93 15.00 -32.52
C LYS B 279 -24.62 13.83 -33.23
N GLY B 280 -25.93 13.70 -33.04
CA GLY B 280 -26.71 12.53 -33.51
C GLY B 280 -26.24 11.27 -32.81
N GLU B 281 -25.52 10.42 -33.57
N GLU B 281 -25.57 10.36 -33.53
CA GLU B 281 -25.05 9.05 -33.21
CA GLU B 281 -25.08 9.06 -32.97
C GLU B 281 -23.53 9.03 -32.94
C GLU B 281 -23.54 9.05 -32.94
N GLN B 282 -22.95 10.17 -32.53
CA GLN B 282 -21.49 10.30 -32.35
C GLN B 282 -21.20 11.02 -31.04
N PHE B 283 -20.26 10.47 -30.28
CA PHE B 283 -19.61 11.15 -29.13
C PHE B 283 -18.42 11.94 -29.67
N LEU B 284 -18.35 13.24 -29.37
CA LEU B 284 -17.33 14.19 -29.90
C LEU B 284 -16.59 14.89 -28.76
N ILE B 285 -15.26 14.77 -28.80
CA ILE B 285 -14.29 15.52 -27.96
C ILE B 285 -13.46 16.40 -28.92
N ASN B 286 -13.33 17.68 -28.62
CA ASN B 286 -12.68 18.67 -29.53
C ASN B 286 -13.16 18.34 -30.96
N HIS B 287 -14.50 18.37 -31.11
CA HIS B 287 -15.27 18.28 -32.38
C HIS B 287 -14.77 17.13 -33.24
N LYS B 288 -14.38 16.01 -32.63
CA LYS B 288 -13.94 14.79 -33.37
C LYS B 288 -14.68 13.57 -32.82
N PRO B 289 -15.16 12.66 -33.70
CA PRO B 289 -15.74 11.39 -33.26
C PRO B 289 -14.72 10.49 -32.53
N PHE B 290 -15.01 10.20 -31.26
CA PHE B 290 -14.19 9.34 -30.36
C PHE B 290 -14.81 7.95 -30.30
N TYR B 291 -13.97 6.90 -30.18
CA TYR B 291 -14.39 5.50 -29.89
C TYR B 291 -13.71 5.01 -28.62
N PHE B 292 -14.45 5.07 -27.51
CA PHE B 292 -14.10 4.60 -26.15
C PHE B 292 -13.65 3.14 -26.17
N THR B 293 -12.55 2.84 -25.49
CA THR B 293 -12.13 1.45 -25.13
C THR B 293 -11.70 1.41 -23.66
N GLY B 294 -11.72 0.20 -23.10
CA GLY B 294 -11.26 -0.06 -21.73
C GLY B 294 -12.29 -0.81 -20.92
N PHE B 295 -12.62 -0.30 -19.74
CA PHE B 295 -13.15 -1.16 -18.67
C PHE B 295 -14.15 -0.45 -17.77
N GLY B 296 -15.14 -1.22 -17.31
CA GLY B 296 -15.60 -1.02 -15.92
C GLY B 296 -14.53 -1.51 -14.97
N ARG B 297 -14.23 -0.72 -13.95
CA ARG B 297 -13.26 -1.08 -12.89
C ARG B 297 -14.00 -1.25 -11.55
N HIS B 298 -13.25 -1.44 -10.48
CA HIS B 298 -13.71 -1.37 -9.07
C HIS B 298 -12.56 -0.86 -8.22
N GLU B 299 -12.82 -0.32 -7.05
CA GLU B 299 -11.77 -0.07 -6.05
C GLU B 299 -11.77 -1.31 -5.17
N ASP B 300 -10.90 -2.26 -5.54
CA ASP B 300 -10.85 -3.64 -4.98
C ASP B 300 -9.46 -4.24 -5.17
N ALA B 301 -8.92 -4.83 -4.11
CA ALA B 301 -7.58 -5.46 -4.10
C ALA B 301 -7.48 -6.33 -2.85
N ASP B 302 -6.50 -7.23 -2.80
CA ASP B 302 -6.22 -8.11 -1.64
C ASP B 302 -5.92 -7.26 -0.41
N LEU B 303 -6.45 -7.66 0.76
CA LEU B 303 -6.04 -7.15 2.10
C LEU B 303 -6.65 -5.78 2.43
N ARG B 304 -6.61 -4.82 1.50
CA ARG B 304 -6.91 -3.38 1.79
C ARG B 304 -8.34 -2.99 1.38
N GLY B 305 -9.06 -3.89 0.72
CA GLY B 305 -10.44 -3.69 0.28
C GLY B 305 -10.51 -2.63 -0.79
N LYS B 306 -11.24 -1.56 -0.51
CA LYS B 306 -11.44 -0.43 -1.47
C LYS B 306 -10.41 0.68 -1.16
N GLY B 307 -9.55 0.43 -0.17
CA GLY B 307 -8.45 1.33 0.23
C GLY B 307 -7.64 1.82 -0.95
N PHE B 308 -7.37 3.13 -1.00
CA PHE B 308 -6.52 3.75 -2.04
C PHE B 308 -5.09 3.26 -1.81
N ASP B 309 -4.37 2.98 -2.89
CA ASP B 309 -2.94 2.64 -2.78
C ASP B 309 -2.16 3.17 -4.00
N ASN B 310 -1.05 3.85 -3.76
CA ASN B 310 -0.21 4.43 -4.84
C ASN B 310 0.28 3.35 -5.82
N VAL B 311 0.92 2.27 -5.35
CA VAL B 311 1.51 1.24 -6.24
C VAL B 311 0.42 0.59 -7.10
N LEU B 312 -0.72 0.29 -6.47
CA LEU B 312 -1.86 -0.33 -7.19
C LEU B 312 -2.28 0.63 -8.31
N MET B 313 -2.34 1.93 -8.03
CA MET B 313 -2.76 2.91 -9.09
C MET B 313 -1.69 2.91 -10.18
N VAL B 314 -0.41 2.98 -9.81
CA VAL B 314 0.67 3.03 -10.84
C VAL B 314 0.59 1.77 -11.70
N HIS B 315 0.47 0.59 -11.08
CA HIS B 315 0.42 -0.72 -11.78
C HIS B 315 -0.83 -0.87 -12.66
N ASP B 316 -2.02 -0.66 -12.10
CA ASP B 316 -3.28 -0.84 -12.89
C ASP B 316 -3.24 0.07 -14.14
N HIS B 317 -2.70 1.29 -14.03
CA HIS B 317 -2.60 2.21 -15.19
C HIS B 317 -1.59 1.60 -16.18
N ALA B 318 -0.48 1.07 -15.67
CA ALA B 318 0.55 0.46 -16.52
C ALA B 318 -0.12 -0.60 -17.40
N LEU B 319 -1.03 -1.40 -16.83
CA LEU B 319 -1.65 -2.56 -17.52
C LEU B 319 -2.64 -2.10 -18.61
N MET B 320 -3.49 -1.14 -18.23
CA MET B 320 -4.50 -0.48 -19.10
C MET B 320 -3.81 0.13 -20.33
N ASP B 321 -2.74 0.88 -20.08
CA ASP B 321 -1.81 1.42 -21.11
C ASP B 321 -1.40 0.30 -22.08
N TRP B 322 -0.72 -0.73 -21.57
CA TRP B 322 -0.26 -1.93 -22.32
C TRP B 322 -1.39 -2.57 -23.14
N ILE B 323 -2.58 -2.74 -22.55
CA ILE B 323 -3.69 -3.44 -23.26
C ILE B 323 -4.34 -2.50 -24.29
N GLY B 324 -4.19 -1.18 -24.15
CA GLY B 324 -4.67 -0.19 -25.13
C GLY B 324 -6.01 0.42 -24.74
N ALA B 325 -6.38 0.35 -23.47
CA ALA B 325 -7.55 1.07 -22.92
C ALA B 325 -7.28 2.57 -23.02
N ASN B 326 -8.27 3.34 -23.47
CA ASN B 326 -8.25 4.82 -23.55
C ASN B 326 -9.18 5.40 -22.49
N SER B 327 -10.07 4.57 -21.94
CA SER B 327 -11.18 5.03 -21.07
C SER B 327 -11.51 3.98 -20.01
N TYR B 328 -12.25 4.42 -19.01
CA TYR B 328 -12.97 3.54 -18.08
C TYR B 328 -14.13 4.30 -17.43
N ARG B 329 -15.03 3.55 -16.79
CA ARG B 329 -16.10 4.07 -15.91
C ARG B 329 -15.72 3.82 -14.45
N THR B 330 -16.10 4.73 -13.56
CA THR B 330 -15.91 4.62 -12.09
C THR B 330 -17.08 3.80 -11.51
N SER B 331 -17.32 2.62 -12.06
CA SER B 331 -18.31 1.66 -11.52
C SER B 331 -17.95 1.34 -10.07
N HIS B 332 -18.89 1.46 -9.11
CA HIS B 332 -20.18 2.11 -9.21
C HIS B 332 -20.29 3.11 -8.07
N TYR B 333 -19.33 4.04 -8.03
CA TYR B 333 -19.13 4.97 -6.91
C TYR B 333 -18.04 5.94 -7.37
N PRO B 334 -17.99 7.16 -6.80
CA PRO B 334 -16.88 8.07 -7.09
C PRO B 334 -15.56 7.39 -6.72
N TYR B 335 -14.54 7.45 -7.57
CA TYR B 335 -13.19 6.92 -7.22
C TYR B 335 -12.36 8.01 -6.49
N ALA B 336 -11.27 7.58 -5.86
CA ALA B 336 -10.25 8.46 -5.24
C ALA B 336 -9.83 9.53 -6.26
N GLU B 337 -9.77 10.80 -5.86
CA GLU B 337 -9.55 11.91 -6.82
C GLU B 337 -8.27 11.60 -7.61
N GLU B 338 -7.26 11.04 -6.94
CA GLU B 338 -5.92 10.73 -7.52
C GLU B 338 -6.12 10.09 -8.88
N MET B 339 -7.17 9.28 -9.07
CA MET B 339 -7.35 8.56 -10.36
C MET B 339 -7.67 9.58 -11.47
N LEU B 340 -8.29 10.69 -11.09
CA LEU B 340 -8.79 11.69 -12.06
C LEU B 340 -7.68 12.71 -12.30
N ASP B 341 -6.93 13.05 -11.24
CA ASP B 341 -5.66 13.83 -11.38
C ASP B 341 -4.74 13.07 -12.34
N TRP B 342 -4.73 11.74 -12.26
CA TRP B 342 -3.89 10.87 -13.14
C TRP B 342 -4.41 10.97 -14.56
N ALA B 343 -5.69 10.61 -14.80
CA ALA B 343 -6.32 10.58 -16.14
C ALA B 343 -6.19 11.96 -16.81
N ASP B 344 -6.29 13.03 -16.02
CA ASP B 344 -6.05 14.44 -16.46
C ASP B 344 -4.67 14.51 -17.14
N GLU B 345 -3.62 14.18 -16.38
CA GLU B 345 -2.21 14.21 -16.83
C GLU B 345 -1.98 13.31 -18.05
N HIS B 346 -2.51 12.09 -18.06
CA HIS B 346 -2.15 11.08 -19.10
C HIS B 346 -3.16 11.11 -20.24
N GLY B 347 -4.22 11.92 -20.12
CA GLY B 347 -5.24 12.01 -21.17
C GLY B 347 -6.09 10.76 -21.21
N ILE B 348 -6.52 10.28 -20.05
CA ILE B 348 -7.50 9.14 -20.01
C ILE B 348 -8.89 9.75 -19.94
N VAL B 349 -9.80 9.18 -20.72
CA VAL B 349 -11.26 9.51 -20.76
C VAL B 349 -11.98 8.74 -19.63
N VAL B 350 -12.85 9.40 -18.89
CA VAL B 350 -13.52 8.85 -17.66
C VAL B 350 -15.03 9.14 -17.70
N ILE B 351 -15.86 8.09 -17.60
CA ILE B 351 -17.29 8.22 -17.25
C ILE B 351 -17.38 8.20 -15.72
N ASP B 352 -17.69 9.34 -15.10
CA ASP B 352 -17.64 9.52 -13.62
C ASP B 352 -19.03 9.24 -13.05
N GLU B 353 -19.15 8.28 -12.11
CA GLU B 353 -20.44 7.63 -11.76
C GLU B 353 -20.71 7.73 -10.25
N THR B 354 -21.98 7.91 -9.89
CA THR B 354 -22.44 8.07 -8.48
C THR B 354 -22.56 6.68 -7.85
N ALA B 355 -22.58 6.63 -6.52
CA ALA B 355 -22.74 5.39 -5.73
C ALA B 355 -24.14 4.80 -5.93
N ALA B 356 -25.05 5.46 -6.68
CA ALA B 356 -26.45 5.02 -6.89
C ALA B 356 -26.49 3.75 -7.78
N VAL B 357 -26.45 2.57 -7.17
CA VAL B 357 -26.57 1.25 -7.86
C VAL B 357 -27.41 0.31 -6.98
N GLY B 358 -28.14 -0.63 -7.60
CA GLY B 358 -29.05 -1.55 -6.91
C GLY B 358 -30.41 -0.93 -6.57
N PHE B 359 -30.83 0.06 -7.38
CA PHE B 359 -32.22 0.59 -7.40
C PHE B 359 -33.04 -0.42 -8.20
N ASN B 360 -33.14 -1.63 -7.65
CA ASN B 360 -33.45 -2.88 -8.38
C ASN B 360 -33.70 -4.01 -7.38
N LEU B 361 -34.69 -4.88 -7.66
CA LEU B 361 -35.07 -6.06 -6.84
C LEU B 361 -35.31 -7.27 -7.76
N SER B 362 -34.45 -7.46 -8.77
CA SER B 362 -34.58 -8.56 -9.78
C SER B 362 -33.24 -8.99 -10.40
N LEU B 363 -32.09 -8.63 -9.81
CA LEU B 363 -30.75 -8.87 -10.44
C LEU B 363 -30.37 -10.36 -10.34
N GLY B 364 -30.17 -10.88 -9.12
CA GLY B 364 -29.68 -12.24 -8.86
C GLY B 364 -28.99 -12.36 -7.52
N ASN B 371 -40.33 -10.78 1.09
CA ASN B 371 -39.27 -10.31 2.03
C ASN B 371 -38.89 -8.86 1.72
N LYS B 372 -38.67 -8.50 0.44
CA LYS B 372 -38.27 -7.14 -0.06
C LYS B 372 -39.51 -6.35 -0.56
N PRO B 373 -39.59 -4.97 -0.42
CA PRO B 373 -40.70 -4.11 -0.94
C PRO B 373 -41.23 -4.59 -2.30
N LYS B 374 -42.55 -4.83 -2.36
CA LYS B 374 -43.31 -5.25 -3.57
C LYS B 374 -43.44 -4.09 -4.57
N GLU B 375 -43.13 -2.85 -4.17
CA GLU B 375 -43.16 -1.64 -5.05
C GLU B 375 -41.87 -0.84 -4.87
N LEU B 376 -41.02 -0.75 -5.90
CA LEU B 376 -39.67 -0.15 -5.82
C LEU B 376 -39.74 1.34 -5.44
N TYR B 377 -40.54 2.13 -6.18
CA TYR B 377 -40.79 3.56 -5.89
C TYR B 377 -42.06 3.66 -5.04
N SER B 378 -41.87 3.72 -3.72
CA SER B 378 -42.95 3.77 -2.70
C SER B 378 -42.39 4.42 -1.44
N GLU B 379 -43.22 4.60 -0.41
CA GLU B 379 -42.79 5.20 0.88
C GLU B 379 -41.96 4.17 1.66
N GLU B 380 -42.11 2.88 1.38
CA GLU B 380 -41.39 1.80 2.10
C GLU B 380 -40.10 1.45 1.35
N ALA B 381 -39.79 2.16 0.27
CA ALA B 381 -38.55 1.92 -0.52
C ALA B 381 -37.97 3.22 -1.08
N VAL B 382 -37.55 3.22 -2.35
CA VAL B 382 -37.04 4.42 -3.06
C VAL B 382 -38.21 5.41 -3.05
N ASN B 383 -38.18 6.36 -2.11
CA ASN B 383 -39.24 7.40 -1.92
C ASN B 383 -38.66 8.74 -2.39
N GLY B 384 -39.31 9.85 -2.01
CA GLY B 384 -38.87 11.22 -2.35
C GLY B 384 -37.62 11.61 -1.58
N GLU B 385 -37.54 11.20 -0.31
CA GLU B 385 -36.39 11.40 0.62
C GLU B 385 -35.14 10.69 0.08
N THR B 386 -35.36 9.61 -0.67
CA THR B 386 -34.33 8.83 -1.38
C THR B 386 -33.87 9.60 -2.61
N GLN B 387 -34.83 10.09 -3.41
CA GLN B 387 -34.57 10.93 -4.61
C GLN B 387 -33.65 12.10 -4.23
N GLN B 388 -33.83 12.65 -3.03
CA GLN B 388 -33.07 13.78 -2.44
C GLN B 388 -31.61 13.38 -2.21
N ALA B 389 -31.36 12.39 -1.33
CA ALA B 389 -30.01 11.81 -1.09
C ALA B 389 -29.33 11.58 -2.45
N HIS B 390 -30.03 10.97 -3.40
CA HIS B 390 -29.52 10.65 -4.77
C HIS B 390 -29.09 11.95 -5.46
N LEU B 391 -29.88 13.00 -5.28
CA LEU B 391 -29.57 14.33 -5.82
C LEU B 391 -28.36 14.86 -5.04
N GLN B 392 -28.32 14.63 -3.73
CA GLN B 392 -27.20 15.08 -2.88
C GLN B 392 -25.93 14.33 -3.31
N ALA B 393 -26.07 13.06 -3.67
CA ALA B 393 -24.96 12.24 -4.20
C ALA B 393 -24.53 12.84 -5.54
N ILE B 394 -25.47 13.30 -6.37
CA ILE B 394 -25.09 13.89 -7.69
C ILE B 394 -24.43 15.25 -7.46
N LYS B 395 -24.92 16.02 -6.50
CA LYS B 395 -24.34 17.34 -6.18
C LYS B 395 -22.85 17.15 -5.86
N GLU B 396 -22.58 16.43 -4.79
CA GLU B 396 -21.23 16.23 -4.18
C GLU B 396 -20.23 15.72 -5.21
N LEU B 397 -20.65 14.88 -6.15
CA LEU B 397 -19.74 14.38 -7.21
C LEU B 397 -19.33 15.53 -8.14
N ILE B 398 -20.26 16.38 -8.55
CA ILE B 398 -19.94 17.45 -9.54
C ILE B 398 -19.16 18.54 -8.78
N ALA B 399 -19.48 18.76 -7.51
CA ALA B 399 -18.75 19.73 -6.67
C ALA B 399 -17.26 19.36 -6.62
N ARG B 400 -16.94 18.05 -6.62
CA ARG B 400 -15.54 17.55 -6.54
C ARG B 400 -14.89 17.51 -7.92
N ASP B 401 -15.59 17.04 -8.96
CA ASP B 401 -14.94 16.71 -10.25
C ASP B 401 -15.37 17.62 -11.41
N LYS B 402 -16.11 18.70 -11.16
CA LYS B 402 -16.60 19.61 -12.23
C LYS B 402 -15.44 20.03 -13.14
N ASN B 403 -14.22 20.18 -12.59
CA ASN B 403 -13.05 20.79 -13.28
C ASN B 403 -12.13 19.77 -13.97
N HIS B 404 -12.27 18.45 -13.72
CA HIS B 404 -11.41 17.39 -14.34
C HIS B 404 -11.72 17.26 -15.84
N PRO B 405 -10.81 17.68 -16.74
CA PRO B 405 -10.98 17.41 -18.17
C PRO B 405 -11.11 15.94 -18.59
N SER B 406 -10.65 15.01 -17.74
CA SER B 406 -10.77 13.54 -17.98
C SER B 406 -12.26 13.15 -17.93
N VAL B 407 -13.04 13.71 -17.01
CA VAL B 407 -14.50 13.42 -16.86
C VAL B 407 -15.23 14.01 -18.08
N VAL B 408 -15.65 13.11 -18.96
CA VAL B 408 -16.19 13.35 -20.32
C VAL B 408 -17.72 13.21 -20.29
N MET B 409 -18.28 12.75 -19.16
CA MET B 409 -19.72 12.40 -19.01
C MET B 409 -20.04 12.09 -17.54
N TRP B 410 -21.25 12.43 -17.09
CA TRP B 410 -21.77 12.00 -15.76
C TRP B 410 -22.66 10.77 -15.97
N SER B 411 -22.68 9.87 -14.98
CA SER B 411 -23.50 8.63 -14.94
C SER B 411 -24.26 8.68 -13.64
N ILE B 412 -25.56 8.89 -13.68
CA ILE B 412 -26.26 9.34 -12.45
C ILE B 412 -26.82 8.12 -11.71
N ALA B 413 -27.01 7.01 -12.43
CA ALA B 413 -27.36 5.71 -11.82
C ALA B 413 -26.77 4.57 -12.68
N ASN B 414 -26.45 3.44 -12.03
CA ASN B 414 -26.13 2.13 -12.68
C ASN B 414 -27.28 1.13 -12.45
N GLU B 415 -27.70 0.49 -13.55
CA GLU B 415 -28.68 -0.64 -13.59
C GLU B 415 -29.85 -0.38 -12.64
N PRO B 416 -30.57 0.76 -12.78
CA PRO B 416 -31.89 0.90 -12.16
C PRO B 416 -32.95 0.12 -12.94
N ASP B 417 -33.82 -0.61 -12.23
CA ASP B 417 -35.07 -1.21 -12.78
C ASP B 417 -35.91 -0.04 -13.36
N THR B 418 -36.55 -0.26 -14.52
CA THR B 418 -37.34 0.79 -15.24
C THR B 418 -38.80 0.35 -15.47
N ARG B 419 -39.19 -0.84 -14.98
CA ARG B 419 -40.56 -1.41 -15.12
C ARG B 419 -41.47 -0.94 -13.98
N PRO B 420 -41.12 -1.13 -12.68
CA PRO B 420 -42.00 -0.68 -11.59
C PRO B 420 -42.54 0.75 -11.72
N GLN B 421 -43.60 1.04 -10.95
CA GLN B 421 -44.51 2.22 -11.10
C GLN B 421 -43.73 3.53 -10.88
N GLY B 422 -43.62 4.35 -11.93
CA GLY B 422 -43.17 5.76 -11.82
C GLY B 422 -41.66 5.89 -11.76
N ALA B 423 -40.95 5.12 -12.58
CA ALA B 423 -39.51 5.30 -12.86
C ALA B 423 -39.29 6.74 -13.34
N ARG B 424 -39.86 7.09 -14.50
CA ARG B 424 -39.59 8.38 -15.21
C ARG B 424 -39.69 9.54 -14.21
N GLU B 425 -40.78 9.62 -13.45
CA GLU B 425 -41.09 10.78 -12.57
C GLU B 425 -40.06 10.85 -11.43
N TYR B 426 -39.44 9.72 -11.07
CA TYR B 426 -38.30 9.67 -10.10
C TYR B 426 -37.07 10.33 -10.71
N PHE B 427 -36.74 9.98 -11.96
CA PHE B 427 -35.45 10.26 -12.63
C PHE B 427 -35.47 11.62 -13.37
N ALA B 428 -36.61 12.01 -13.95
CA ALA B 428 -36.78 13.30 -14.68
C ALA B 428 -36.22 14.47 -13.86
N PRO B 429 -36.63 14.66 -12.58
CA PRO B 429 -36.04 15.71 -11.74
C PRO B 429 -34.53 15.63 -11.49
N LEU B 430 -33.93 14.44 -11.67
CA LEU B 430 -32.48 14.22 -11.41
C LEU B 430 -31.68 14.58 -12.67
N ALA B 431 -32.13 14.16 -13.86
CA ALA B 431 -31.50 14.48 -15.18
C ALA B 431 -31.56 15.98 -15.46
N GLU B 432 -32.66 16.64 -15.07
CA GLU B 432 -32.80 18.12 -15.07
C GLU B 432 -31.76 18.71 -14.13
N ALA B 433 -31.87 18.41 -12.83
CA ALA B 433 -31.05 18.97 -11.74
C ALA B 433 -29.56 18.73 -12.00
N THR B 434 -29.21 17.72 -12.82
CA THR B 434 -27.81 17.36 -13.19
C THR B 434 -27.29 18.46 -14.14
N ARG B 435 -27.99 18.69 -15.25
CA ARG B 435 -27.63 19.66 -16.32
C ARG B 435 -27.55 21.08 -15.75
N LYS B 436 -28.37 21.40 -14.73
CA LYS B 436 -28.33 22.70 -13.99
C LYS B 436 -27.08 22.73 -13.09
N LEU B 437 -26.70 21.59 -12.48
CA LEU B 437 -25.49 21.55 -11.62
C LEU B 437 -24.24 21.69 -12.49
N ASP B 438 -24.28 21.21 -13.75
CA ASP B 438 -23.23 21.41 -14.77
C ASP B 438 -23.72 21.07 -16.19
N PRO B 439 -23.87 22.05 -17.12
CA PRO B 439 -24.33 21.76 -18.49
C PRO B 439 -23.21 21.56 -19.53
N THR B 440 -21.96 21.45 -19.08
CA THR B 440 -20.74 21.44 -19.93
C THR B 440 -20.51 20.04 -20.52
N ARG B 441 -20.97 18.98 -19.82
CA ARG B 441 -20.77 17.57 -20.25
C ARG B 441 -22.12 16.86 -20.36
N PRO B 442 -22.27 15.91 -21.30
CA PRO B 442 -23.49 15.11 -21.39
C PRO B 442 -23.69 14.25 -20.13
N ILE B 443 -24.94 13.88 -19.83
CA ILE B 443 -25.25 12.93 -18.72
C ILE B 443 -25.82 11.64 -19.33
N THR B 444 -25.75 10.54 -18.57
CA THR B 444 -26.19 9.17 -18.95
C THR B 444 -26.82 8.47 -17.74
N CYS B 445 -27.47 7.34 -18.02
CA CYS B 445 -27.95 6.35 -17.03
C CYS B 445 -27.65 4.96 -17.57
N VAL B 446 -27.05 4.08 -16.76
CA VAL B 446 -26.57 2.76 -17.24
C VAL B 446 -27.72 1.76 -17.19
N ASN B 447 -27.93 1.05 -18.30
CA ASN B 447 -29.17 0.32 -18.64
C ASN B 447 -28.97 -1.18 -18.42
N VAL B 448 -29.58 -1.70 -17.36
CA VAL B 448 -29.51 -3.14 -16.96
C VAL B 448 -29.99 -4.04 -18.09
N MET B 449 -29.42 -5.25 -18.13
CA MET B 449 -29.59 -6.35 -19.11
C MET B 449 -31.07 -6.58 -19.51
N PHE B 450 -31.98 -6.76 -18.56
CA PHE B 450 -33.37 -7.22 -18.84
C PHE B 450 -34.28 -6.05 -19.28
N CYS B 451 -33.93 -4.81 -18.94
CA CYS B 451 -34.66 -3.58 -19.36
C CYS B 451 -34.28 -3.27 -20.81
N ASP B 452 -34.90 -3.97 -21.77
CA ASP B 452 -34.56 -3.97 -23.22
C ASP B 452 -35.15 -2.74 -23.94
N ALA B 453 -35.15 -2.76 -25.28
CA ALA B 453 -35.52 -1.64 -26.19
C ALA B 453 -36.98 -1.21 -25.95
N HIS B 454 -37.88 -2.17 -25.72
CA HIS B 454 -39.34 -1.96 -25.52
C HIS B 454 -39.63 -1.62 -24.05
N THR B 455 -38.99 -2.33 -23.12
CA THR B 455 -39.21 -2.25 -21.66
C THR B 455 -38.87 -0.84 -21.14
N ASP B 456 -37.64 -0.37 -21.41
CA ASP B 456 -37.09 0.88 -20.82
C ASP B 456 -37.96 2.07 -21.21
N THR B 457 -38.07 3.03 -20.31
CA THR B 457 -38.90 4.25 -20.45
C THR B 457 -37.98 5.48 -20.52
N ILE B 458 -36.83 5.43 -19.83
CA ILE B 458 -36.09 6.62 -19.30
C ILE B 458 -35.00 7.06 -20.29
N SER B 459 -34.56 6.17 -21.18
CA SER B 459 -33.37 6.41 -22.06
C SER B 459 -33.46 7.79 -22.73
N ASP B 460 -34.67 8.18 -23.17
CA ASP B 460 -34.93 9.45 -23.89
C ASP B 460 -34.42 10.66 -23.08
N LEU B 461 -34.45 10.62 -21.74
CA LEU B 461 -34.06 11.80 -20.90
C LEU B 461 -32.53 12.04 -20.90
N PHE B 462 -31.72 11.16 -21.50
CA PHE B 462 -30.24 11.13 -21.38
C PHE B 462 -29.59 11.15 -22.78
N ASP B 463 -28.35 11.65 -22.86
CA ASP B 463 -27.66 12.03 -24.11
C ASP B 463 -27.01 10.81 -24.77
N VAL B 464 -26.43 9.91 -23.96
CA VAL B 464 -25.72 8.70 -24.47
C VAL B 464 -26.40 7.47 -23.88
N LEU B 465 -26.57 6.43 -24.70
CA LEU B 465 -27.12 5.11 -24.29
C LEU B 465 -25.99 4.17 -23.86
N CYS B 466 -25.95 3.85 -22.56
CA CYS B 466 -24.96 2.96 -21.90
C CYS B 466 -25.61 1.61 -21.57
N LEU B 467 -25.30 0.59 -22.38
CA LEU B 467 -25.82 -0.80 -22.30
C LEU B 467 -24.85 -1.72 -21.53
N ASN B 468 -25.37 -2.43 -20.52
CA ASN B 468 -24.73 -3.64 -19.93
C ASN B 468 -25.40 -4.88 -20.53
N ARG B 469 -24.71 -5.61 -21.43
CA ARG B 469 -25.28 -6.81 -22.13
C ARG B 469 -24.47 -8.06 -21.77
N TYR B 470 -25.16 -9.21 -21.73
CA TYR B 470 -24.67 -10.51 -21.19
C TYR B 470 -25.37 -11.68 -21.88
N TYR B 471 -25.68 -11.52 -23.16
CA TYR B 471 -26.26 -12.60 -23.99
C TYR B 471 -25.16 -13.63 -24.19
N GLY B 472 -25.51 -14.92 -24.09
CA GLY B 472 -24.54 -16.03 -24.14
C GLY B 472 -24.00 -16.38 -22.76
N TRP B 473 -24.38 -15.61 -21.74
CA TRP B 473 -23.99 -15.86 -20.32
C TRP B 473 -25.23 -16.13 -19.45
N TYR B 474 -25.94 -15.09 -19.02
CA TYR B 474 -27.12 -15.22 -18.10
C TYR B 474 -28.30 -15.77 -18.91
N VAL B 475 -28.31 -15.51 -20.21
CA VAL B 475 -29.34 -16.02 -21.16
C VAL B 475 -28.58 -16.57 -22.38
N GLN B 476 -29.26 -17.41 -23.17
CA GLN B 476 -28.68 -18.22 -24.29
C GLN B 476 -27.34 -18.80 -23.83
N SER B 477 -27.33 -19.44 -22.67
CA SER B 477 -26.11 -19.77 -21.91
C SER B 477 -25.21 -20.69 -22.74
N GLY B 478 -24.01 -20.20 -23.06
CA GLY B 478 -22.97 -20.98 -23.75
C GLY B 478 -23.30 -21.25 -25.20
N ASP B 479 -24.20 -20.47 -25.79
CA ASP B 479 -24.62 -20.58 -27.22
C ASP B 479 -24.29 -19.24 -27.90
N LEU B 480 -23.10 -19.13 -28.51
CA LEU B 480 -22.57 -17.86 -29.07
C LEU B 480 -23.35 -17.43 -30.31
N GLU B 481 -23.92 -18.41 -31.00
CA GLU B 481 -24.68 -18.30 -32.29
C GLU B 481 -25.99 -17.56 -32.00
N THR B 482 -26.88 -18.17 -31.22
CA THR B 482 -28.12 -17.53 -30.70
C THR B 482 -27.80 -16.21 -30.01
N ALA B 483 -26.71 -16.12 -29.24
CA ALA B 483 -26.36 -14.91 -28.48
C ALA B 483 -26.04 -13.75 -29.43
N GLU B 484 -25.36 -14.03 -30.54
CA GLU B 484 -24.96 -13.04 -31.58
C GLU B 484 -26.21 -12.38 -32.21
N LYS B 485 -27.12 -13.21 -32.74
CA LYS B 485 -28.39 -12.73 -33.36
C LYS B 485 -29.10 -11.80 -32.38
N VAL B 486 -29.39 -12.30 -31.18
CA VAL B 486 -30.15 -11.56 -30.12
C VAL B 486 -29.45 -10.22 -29.81
N LEU B 487 -28.11 -10.18 -29.79
CA LEU B 487 -27.31 -8.95 -29.49
C LEU B 487 -27.44 -7.97 -30.66
N GLU B 488 -27.14 -8.40 -31.89
CA GLU B 488 -27.21 -7.53 -33.10
C GLU B 488 -28.62 -6.94 -33.20
N LYS B 489 -29.63 -7.82 -33.30
CA LYS B 489 -31.07 -7.46 -33.37
C LYS B 489 -31.40 -6.34 -32.36
N GLU B 490 -30.88 -6.45 -31.13
CA GLU B 490 -31.20 -5.58 -29.97
C GLU B 490 -30.46 -4.23 -30.08
N LEU B 491 -29.22 -4.21 -30.61
CA LEU B 491 -28.42 -2.97 -30.78
C LEU B 491 -28.97 -2.14 -31.95
N LEU B 492 -29.49 -2.79 -32.99
CA LEU B 492 -30.21 -2.14 -34.12
C LEU B 492 -31.54 -1.55 -33.60
N ALA B 493 -32.35 -2.33 -32.90
CA ALA B 493 -33.61 -1.87 -32.26
C ALA B 493 -33.35 -0.60 -31.41
N TRP B 494 -32.17 -0.51 -30.78
CA TRP B 494 -31.78 0.64 -29.90
C TRP B 494 -31.40 1.87 -30.75
N GLN B 495 -30.76 1.63 -31.90
CA GLN B 495 -30.42 2.67 -32.92
C GLN B 495 -31.75 3.35 -33.32
N GLU B 496 -32.68 2.57 -33.88
CA GLU B 496 -33.99 2.99 -34.44
C GLU B 496 -34.78 3.79 -33.40
N LYS B 497 -34.76 3.34 -32.14
CA LYS B 497 -35.55 3.92 -31.01
C LYS B 497 -35.06 5.34 -30.66
N LEU B 498 -33.74 5.55 -30.51
CA LEU B 498 -33.19 6.77 -29.87
C LEU B 498 -32.19 7.51 -30.76
N HIS B 499 -31.65 6.89 -31.82
CA HIS B 499 -30.56 7.47 -32.67
C HIS B 499 -29.64 8.28 -31.75
N GLN B 500 -29.20 7.64 -30.66
CA GLN B 500 -28.19 8.17 -29.69
C GLN B 500 -26.88 7.45 -29.94
N PRO B 501 -25.76 7.96 -29.38
CA PRO B 501 -24.53 7.19 -29.30
C PRO B 501 -24.67 6.04 -28.29
N ILE B 502 -24.33 4.82 -28.70
CA ILE B 502 -24.43 3.57 -27.88
C ILE B 502 -23.03 3.16 -27.39
N ILE B 503 -22.79 3.26 -26.08
CA ILE B 503 -21.61 2.66 -25.40
C ILE B 503 -22.08 1.36 -24.71
N ILE B 504 -21.38 0.25 -24.98
CA ILE B 504 -21.47 -0.98 -24.14
C ILE B 504 -20.57 -0.79 -22.91
N THR B 505 -21.19 -0.39 -21.79
CA THR B 505 -20.52 0.03 -20.54
C THR B 505 -20.22 -1.22 -19.67
N GLU B 506 -20.78 -2.38 -20.01
CA GLU B 506 -20.44 -3.71 -19.41
C GLU B 506 -20.70 -4.79 -20.46
N TYR B 507 -19.67 -5.58 -20.77
CA TYR B 507 -19.82 -6.90 -21.43
C TYR B 507 -18.68 -7.77 -20.90
N GLY B 508 -19.03 -8.94 -20.31
CA GLY B 508 -18.09 -9.80 -19.58
C GLY B 508 -18.70 -11.15 -19.21
N VAL B 509 -17.88 -12.19 -19.07
CA VAL B 509 -18.33 -13.55 -18.63
C VAL B 509 -17.41 -13.97 -17.49
N ASP B 510 -17.92 -14.71 -16.51
CA ASP B 510 -17.07 -15.25 -15.43
C ASP B 510 -16.08 -16.22 -16.07
N THR B 511 -14.80 -16.06 -15.78
CA THR B 511 -13.73 -16.92 -16.30
C THR B 511 -12.80 -17.31 -15.16
N LEU B 512 -12.71 -18.60 -14.88
CA LEU B 512 -11.77 -19.10 -13.84
C LEU B 512 -10.38 -19.21 -14.48
N ALA B 513 -9.44 -18.37 -14.08
CA ALA B 513 -8.03 -18.45 -14.53
C ALA B 513 -7.54 -19.89 -14.34
N GLY B 514 -7.00 -20.47 -15.40
CA GLY B 514 -6.43 -21.83 -15.46
C GLY B 514 -7.44 -22.89 -15.87
N LEU B 515 -8.71 -22.53 -16.03
CA LEU B 515 -9.71 -23.50 -16.53
C LEU B 515 -9.62 -23.51 -18.06
N HIS B 516 -9.09 -24.59 -18.61
CA HIS B 516 -8.88 -24.77 -20.07
C HIS B 516 -9.86 -25.84 -20.54
N SER B 517 -10.40 -25.67 -21.74
CA SER B 517 -11.37 -26.62 -22.31
C SER B 517 -11.25 -26.66 -23.84
N MET B 518 -11.21 -27.88 -24.37
CA MET B 518 -11.30 -28.16 -25.82
C MET B 518 -12.69 -27.79 -26.34
N TYR B 519 -13.71 -27.77 -25.49
CA TYR B 519 -15.12 -27.55 -25.91
C TYR B 519 -15.55 -26.09 -25.82
N THR B 520 -14.63 -25.16 -25.54
CA THR B 520 -14.93 -23.72 -25.50
C THR B 520 -16.26 -23.52 -24.78
N ASP B 521 -16.35 -23.94 -23.52
CA ASP B 521 -17.62 -23.93 -22.75
C ASP B 521 -17.48 -22.95 -21.58
N MET B 522 -18.60 -22.63 -20.94
CA MET B 522 -18.70 -21.56 -19.92
C MET B 522 -17.68 -21.79 -18.79
N TRP B 523 -17.11 -20.67 -18.30
CA TRP B 523 -16.11 -20.54 -17.19
C TRP B 523 -14.67 -20.76 -17.70
N SER B 524 -14.48 -21.32 -18.89
CA SER B 524 -13.16 -21.57 -19.51
C SER B 524 -12.50 -20.26 -19.97
N GLU B 525 -11.17 -20.24 -20.08
CA GLU B 525 -10.42 -19.08 -20.63
C GLU B 525 -10.78 -18.90 -22.11
N GLU B 526 -10.97 -20.01 -22.80
CA GLU B 526 -11.25 -20.07 -24.26
C GLU B 526 -12.62 -19.47 -24.54
N TYR B 527 -13.63 -19.74 -23.67
CA TYR B 527 -14.99 -19.18 -23.81
C TYR B 527 -14.90 -17.65 -23.72
N GLN B 528 -14.19 -17.14 -22.72
CA GLN B 528 -14.01 -15.68 -22.51
C GLN B 528 -13.49 -15.03 -23.79
N CYS B 529 -12.57 -15.71 -24.47
CA CYS B 529 -11.92 -15.26 -25.73
C CYS B 529 -12.94 -15.31 -26.89
N ALA B 530 -13.61 -16.44 -27.08
CA ALA B 530 -14.56 -16.66 -28.21
C ALA B 530 -15.78 -15.75 -28.06
N TRP B 531 -16.13 -15.38 -26.83
CA TRP B 531 -17.36 -14.60 -26.52
C TRP B 531 -17.10 -13.10 -26.69
N LEU B 532 -15.99 -12.59 -26.14
CA LEU B 532 -15.62 -11.16 -26.32
C LEU B 532 -15.44 -10.92 -27.82
N ASP B 533 -14.93 -11.93 -28.54
CA ASP B 533 -14.71 -11.95 -30.00
C ASP B 533 -16.04 -11.63 -30.71
N MET B 534 -17.09 -12.37 -30.35
CA MET B 534 -18.44 -12.25 -30.97
C MET B 534 -19.00 -10.87 -30.64
N TYR B 535 -18.97 -10.41 -29.38
CA TYR B 535 -19.48 -9.06 -29.06
C TYR B 535 -18.79 -8.05 -29.98
N HIS B 536 -17.50 -8.26 -30.21
CA HIS B 536 -16.62 -7.41 -31.06
C HIS B 536 -17.14 -7.34 -32.49
N ARG B 537 -17.42 -8.48 -33.12
CA ARG B 537 -17.83 -8.54 -34.54
C ARG B 537 -19.15 -7.76 -34.72
N VAL B 538 -20.10 -7.89 -33.79
CA VAL B 538 -21.40 -7.17 -33.79
C VAL B 538 -21.14 -5.67 -33.63
N PHE B 539 -20.45 -5.28 -32.56
CA PHE B 539 -20.13 -3.87 -32.25
C PHE B 539 -19.73 -3.17 -33.54
N ASP B 540 -18.74 -3.72 -34.24
CA ASP B 540 -18.15 -3.11 -35.46
C ASP B 540 -19.22 -2.92 -36.54
N ARG B 541 -20.18 -3.85 -36.65
CA ARG B 541 -21.26 -3.83 -37.67
C ARG B 541 -22.47 -3.02 -37.17
N VAL B 542 -22.27 -2.03 -36.29
CA VAL B 542 -23.37 -1.15 -35.78
C VAL B 542 -22.83 0.27 -35.55
N SER B 543 -23.07 1.14 -36.54
CA SER B 543 -22.65 2.56 -36.60
C SER B 543 -22.89 3.31 -35.28
N ALA B 544 -23.92 2.92 -34.52
CA ALA B 544 -24.35 3.65 -33.30
C ALA B 544 -23.42 3.38 -32.11
N VAL B 545 -22.73 2.24 -32.09
CA VAL B 545 -21.88 1.85 -30.92
C VAL B 545 -20.60 2.70 -30.97
N VAL B 546 -20.40 3.60 -30.02
CA VAL B 546 -19.21 4.51 -29.99
C VAL B 546 -18.36 4.20 -28.75
N GLY B 547 -18.49 3.00 -28.19
CA GLY B 547 -17.71 2.60 -27.00
C GLY B 547 -17.95 1.16 -26.59
N GLU B 548 -16.90 0.52 -26.07
CA GLU B 548 -16.89 -0.86 -25.50
C GLU B 548 -16.00 -0.84 -24.27
N GLN B 549 -16.61 -1.00 -23.09
CA GLN B 549 -15.91 -1.07 -21.80
C GLN B 549 -16.16 -2.49 -21.29
N VAL B 550 -15.11 -3.32 -21.29
CA VAL B 550 -15.19 -4.74 -20.87
C VAL B 550 -15.53 -4.75 -19.38
N TRP B 551 -16.35 -5.71 -18.97
CA TRP B 551 -16.61 -5.92 -17.52
C TRP B 551 -15.92 -7.24 -17.14
N ASN B 552 -15.02 -7.24 -16.15
CA ASN B 552 -14.44 -6.13 -15.44
C ASN B 552 -12.93 -6.11 -15.72
N PHE B 553 -12.24 -5.06 -15.32
CA PHE B 553 -10.76 -5.01 -15.41
C PHE B 553 -10.15 -6.19 -14.62
N ALA B 554 -10.62 -6.41 -13.39
CA ALA B 554 -10.07 -7.52 -12.57
C ALA B 554 -11.12 -8.17 -11.68
N ASP B 555 -10.89 -9.44 -11.35
CA ASP B 555 -11.68 -10.22 -10.35
C ASP B 555 -11.82 -9.34 -9.12
N PHE B 556 -12.99 -9.31 -8.51
CA PHE B 556 -13.27 -8.48 -7.30
C PHE B 556 -14.15 -9.28 -6.34
N ALA B 557 -14.10 -8.91 -5.06
CA ALA B 557 -14.91 -9.54 -3.99
C ALA B 557 -16.38 -9.16 -4.10
N THR B 558 -17.28 -10.12 -3.82
CA THR B 558 -18.75 -9.95 -3.66
C THR B 558 -19.21 -10.58 -2.34
N SER B 559 -20.45 -10.34 -1.97
CA SER B 559 -21.11 -11.09 -0.86
C SER B 559 -21.19 -12.54 -1.31
N GLN B 560 -21.24 -13.46 -0.35
CA GLN B 560 -21.18 -14.90 -0.61
C GLN B 560 -22.44 -15.35 -1.36
N GLY B 561 -22.29 -16.22 -2.35
CA GLY B 561 -23.48 -16.84 -2.95
C GLY B 561 -23.18 -17.90 -3.97
N ILE B 562 -24.21 -18.66 -4.32
CA ILE B 562 -24.09 -19.77 -5.29
C ILE B 562 -23.66 -19.24 -6.68
N LEU B 563 -23.82 -17.97 -6.98
CA LEU B 563 -23.46 -17.43 -8.33
C LEU B 563 -22.03 -16.87 -8.35
N ARG B 564 -21.36 -16.80 -7.18
CA ARG B 564 -20.08 -16.08 -7.11
C ARG B 564 -19.03 -17.07 -6.58
N VAL B 565 -18.15 -17.54 -7.46
CA VAL B 565 -17.06 -18.50 -7.08
C VAL B 565 -15.94 -17.68 -6.45
N GLY B 566 -16.00 -17.48 -5.13
CA GLY B 566 -15.05 -16.66 -4.36
C GLY B 566 -15.07 -15.19 -4.78
N GLY B 567 -16.16 -14.75 -5.39
CA GLY B 567 -16.29 -13.41 -5.96
C GLY B 567 -16.69 -13.44 -7.42
N ASN B 568 -16.69 -12.26 -8.04
CA ASN B 568 -16.99 -12.06 -9.47
C ASN B 568 -15.74 -12.40 -10.28
N LYS B 569 -15.84 -13.33 -11.22
CA LYS B 569 -14.65 -13.85 -11.93
C LYS B 569 -14.70 -13.39 -13.39
N LYS B 570 -15.36 -12.25 -13.66
CA LYS B 570 -15.46 -11.56 -14.98
C LYS B 570 -14.20 -10.76 -15.29
N GLY B 571 -13.27 -10.61 -14.34
CA GLY B 571 -11.98 -9.93 -14.58
C GLY B 571 -11.29 -10.37 -15.86
N ILE B 572 -10.60 -9.46 -16.54
CA ILE B 572 -9.66 -9.81 -17.66
C ILE B 572 -8.36 -10.23 -16.98
N PHE B 573 -8.09 -9.62 -15.84
CA PHE B 573 -7.00 -9.94 -14.89
C PHE B 573 -7.60 -10.54 -13.63
N THR B 574 -6.82 -11.35 -12.89
CA THR B 574 -7.18 -11.89 -11.57
C THR B 574 -7.03 -10.79 -10.53
N ARG B 575 -7.45 -11.02 -9.29
CA ARG B 575 -7.36 -9.96 -8.26
C ARG B 575 -5.89 -9.59 -8.05
N ASP B 576 -4.97 -10.53 -8.24
CA ASP B 576 -3.51 -10.33 -8.02
C ASP B 576 -2.87 -9.77 -9.31
N ARG B 577 -3.70 -9.46 -10.32
CA ARG B 577 -3.39 -8.67 -11.55
C ARG B 577 -2.65 -9.53 -12.57
N LYS B 578 -2.88 -10.85 -12.55
CA LYS B 578 -2.26 -11.75 -13.53
C LYS B 578 -3.23 -11.86 -14.69
N PRO B 579 -2.75 -11.90 -15.95
CA PRO B 579 -3.65 -11.83 -17.09
C PRO B 579 -4.25 -13.20 -17.39
N LYS B 580 -5.52 -13.26 -17.79
CA LYS B 580 -6.12 -14.45 -18.44
C LYS B 580 -5.82 -14.29 -19.94
N SER B 581 -6.04 -15.33 -20.73
CA SER B 581 -5.78 -15.29 -22.21
C SER B 581 -6.52 -14.12 -22.87
N ALA B 582 -7.66 -13.69 -22.31
CA ALA B 582 -8.46 -12.59 -22.89
C ALA B 582 -7.70 -11.27 -22.79
N ALA B 583 -6.69 -11.17 -21.93
CA ALA B 583 -5.90 -9.92 -21.83
C ALA B 583 -5.16 -9.73 -23.16
N PHE B 584 -4.72 -10.82 -23.78
CA PHE B 584 -3.92 -10.82 -25.04
C PHE B 584 -4.84 -10.63 -26.26
N LEU B 585 -6.08 -11.14 -26.18
CA LEU B 585 -7.06 -10.97 -27.27
C LEU B 585 -7.46 -9.49 -27.37
N LEU B 586 -7.69 -8.81 -26.24
CA LEU B 586 -8.09 -7.37 -26.20
C LEU B 586 -6.91 -6.49 -26.58
N GLN B 587 -5.70 -6.94 -26.33
CA GLN B 587 -4.49 -6.13 -26.57
C GLN B 587 -4.25 -6.00 -28.08
N LYS B 588 -4.52 -7.05 -28.86
CA LYS B 588 -4.40 -7.03 -30.35
C LYS B 588 -5.42 -6.03 -30.92
N ARG B 589 -6.71 -6.31 -30.74
CA ARG B 589 -7.81 -5.40 -31.15
C ARG B 589 -7.47 -3.95 -30.76
N TRP B 590 -7.28 -3.65 -29.46
CA TRP B 590 -7.24 -2.24 -28.97
C TRP B 590 -5.94 -1.50 -29.35
N THR B 591 -4.83 -2.18 -29.63
CA THR B 591 -3.56 -1.51 -30.06
C THR B 591 -3.36 -1.66 -31.57
N GLY B 592 -3.95 -2.70 -32.16
CA GLY B 592 -3.93 -2.96 -33.62
C GLY B 592 -4.84 -2.00 -34.37
N MET B 593 -5.71 -1.26 -33.66
CA MET B 593 -6.63 -0.25 -34.26
C MET B 593 -6.02 1.15 -34.12
N ASN B 594 -6.78 2.19 -34.52
CA ASN B 594 -6.32 3.62 -34.58
C ASN B 594 -6.83 4.36 -33.35
N PHE B 595 -5.97 5.10 -32.67
CA PHE B 595 -6.39 5.77 -31.41
C PHE B 595 -7.75 6.44 -31.65
N GLY B 596 -8.77 5.99 -30.92
CA GLY B 596 -10.04 6.72 -30.74
C GLY B 596 -10.97 6.64 -31.94
N GLU B 597 -10.77 5.67 -32.84
CA GLU B 597 -11.61 5.48 -34.05
C GLU B 597 -12.21 4.08 -34.03
N LYS B 598 -13.52 3.97 -34.23
CA LYS B 598 -14.23 2.69 -34.51
C LYS B 598 -13.45 1.93 -35.58
N PRO B 599 -13.27 0.59 -35.47
CA PRO B 599 -12.79 -0.21 -36.61
C PRO B 599 -13.71 -0.20 -37.85
N GLN B 600 -13.22 -0.77 -38.96
CA GLN B 600 -13.88 -0.76 -40.31
C GLN B 600 -15.12 -1.68 -40.32
N GLN B 601 -15.88 -1.64 -41.42
CA GLN B 601 -17.08 -2.48 -41.71
C GLN B 601 -18.02 -2.48 -40.48
O11 VON C . 14.27 -22.38 -0.03
N1 VON C . 18.05 -21.53 2.79
C2 VON C . 18.25 -20.11 2.53
C3 VON C . 16.90 -19.50 2.11
C4 VON C . 16.11 -20.31 1.06
C5 VON C . 16.05 -21.78 1.40
C6 VON C . 15.40 -22.64 0.34
C7 VON C . 17.47 -22.30 1.65
O8 VON C . 18.70 -19.50 3.75
O9 VON C . 17.25 -18.25 1.56
O10 VON C . 16.80 -20.27 -0.19
O12 VON C . 15.99 -23.61 -0.14
O11 VON D . -23.13 -9.74 -13.64
N1 VON D . -24.05 -5.69 -14.12
C2 VON D . -23.71 -4.90 -12.93
C3 VON D . -22.32 -5.27 -12.39
C4 VON D . -22.18 -6.76 -12.20
C5 VON D . -22.47 -7.43 -13.52
C6 VON D . -22.22 -8.89 -13.38
C7 VON D . -23.89 -7.14 -14.02
O8 VON D . -23.74 -3.48 -13.19
O9 VON D . -22.17 -4.59 -11.12
O10 VON D . -23.09 -7.23 -11.20
O12 VON D . -21.07 -9.23 -13.06
#